data_4HS7
#
_entry.id   4HS7
#
_cell.length_a   101.863
_cell.length_b   101.863
_cell.length_c   191.341
_cell.angle_alpha   90.00
_cell.angle_beta   90.00
_cell.angle_gamma   120.00
#
_symmetry.space_group_name_H-M   'P 65'
#
loop_
_entity.id
_entity.type
_entity.pdbx_description
1 polymer 'Bacterial extracellular solute-binding protein, putative'
2 non-polymer 'POTASSIUM ION'
3 non-polymer 3,6,9,12,15,18-HEXAOXAICOSANE-1,20-DIOL
4 non-polymer DI(HYDROXYETHYL)ETHER
5 water water
#
_entity_poly.entity_id   1
_entity_poly.type   'polypeptide(L)'
_entity_poly.pdbx_seq_one_letter_code
;MGSSHHHHHHENLYFQGCGPNRSKEDIDKALNKDNSKDKPNQLTMWVDGDKQMAFYKKITDQYTKKTGIKVKLVNIGQND
QLENISLDAPAGKGPDIFFLAHDNTGSAYLQGLAAEIKLSKDELKGFNKQALKAMNYDNKQLALPAIVETTALFYNKKLV
KNAPQTLEEVEANAAKLTDSKKKQYGMLFDAKNFYFNYPFLFGNDDYIFKKNGSEYDIHQLGLNSKHVVKNAERLQKWYD
KGYLPKAATHDVMIGLFKEGKVGQFVTGPWNINEYQETFGKDLGVTTLPTDGGKPMKPFLGVRGWYLSEYSKHKYWAKDL
MLYITSKDTLQKYTDEMSEITGRVDVKSSNPNLKVFEKQARHAEPMPNIPEMRQVWEPMGNASIFISNGKNPKQALDEAT
NDITQNIKILHPSQNDKKGD
;
_entity_poly.pdbx_strand_id   A,B
#
# COMPACT_ATOMS: atom_id res chain seq x y z
N LYS A 37 32.31 -17.64 19.56
CA LYS A 37 31.95 -16.40 20.33
C LYS A 37 33.14 -15.42 20.32
N ASP A 38 33.84 -15.39 19.19
CA ASP A 38 35.00 -14.52 18.97
C ASP A 38 34.52 -13.36 18.07
N LYS A 39 34.52 -12.15 18.62
CA LYS A 39 34.00 -10.92 17.96
C LYS A 39 34.43 -10.62 16.52
N PRO A 40 33.49 -10.16 15.67
CA PRO A 40 33.86 -9.71 14.34
C PRO A 40 34.24 -8.23 14.42
N ASN A 41 34.75 -7.68 13.32
CA ASN A 41 35.09 -6.26 13.32
C ASN A 41 33.88 -5.41 13.00
N GLN A 42 32.90 -5.99 12.31
CA GLN A 42 31.71 -5.25 11.90
C GLN A 42 30.45 -6.12 11.76
N LEU A 43 29.30 -5.50 12.04
CA LEU A 43 27.99 -6.12 11.89
C LEU A 43 27.17 -5.16 11.07
N THR A 44 26.38 -5.69 10.16
CA THR A 44 25.56 -4.87 9.28
C THR A 44 24.09 -5.06 9.58
N MET A 45 23.34 -3.97 9.59
CA MET A 45 21.91 -4.05 9.78
C MET A 45 21.20 -3.17 8.81
N TRP A 46 20.03 -3.64 8.41
CA TRP A 46 19.17 -2.96 7.46
C TRP A 46 18.03 -2.34 8.23
N VAL A 47 17.94 -1.02 8.15
CA VAL A 47 16.95 -0.26 8.89
C VAL A 47 15.91 0.31 7.95
N ASP A 48 14.68 0.39 8.44
CA ASP A 48 13.54 0.89 7.69
C ASP A 48 13.37 2.42 7.81
N GLY A 49 14.05 3.17 6.94
CA GLY A 49 13.86 4.62 6.90
C GLY A 49 14.90 5.49 7.55
N ASP A 50 15.03 6.71 7.04
CA ASP A 50 15.99 7.70 7.54
C ASP A 50 15.75 8.05 8.99
N LYS A 51 14.47 8.12 9.38
CA LYS A 51 14.15 8.46 10.75
C LYS A 51 14.73 7.41 11.68
N GLN A 52 14.39 6.15 11.42
CA GLN A 52 14.88 5.07 12.27
C GLN A 52 16.40 4.89 12.14
N MET A 53 16.94 5.15 10.95
CA MET A 53 18.37 4.97 10.77
C MET A 53 19.15 5.99 11.63
N ALA A 54 18.61 7.18 11.78
CA ALA A 54 19.22 8.20 12.62
C ALA A 54 19.12 7.75 14.08
N PHE A 55 17.98 7.20 14.46
CA PHE A 55 17.80 6.74 15.82
C PHE A 55 18.77 5.62 16.16
N TYR A 56 18.84 4.60 15.30
CA TYR A 56 19.72 3.47 15.57
C TYR A 56 21.20 3.79 15.37
N LYS A 57 21.52 4.89 14.71
CA LYS A 57 22.92 5.22 14.63
C LYS A 57 23.35 5.54 16.04
N LYS A 58 22.63 6.44 16.70
CA LYS A 58 22.95 6.81 18.08
C LYS A 58 23.07 5.56 18.93
N ILE A 59 22.10 4.67 18.84
CA ILE A 59 22.13 3.48 19.65
C ILE A 59 23.33 2.58 19.37
N THR A 60 23.62 2.35 18.09
CA THR A 60 24.72 1.47 17.72
C THR A 60 26.10 2.08 17.97
N ASP A 61 26.17 3.42 17.99
CA ASP A 61 27.42 4.07 18.33
C ASP A 61 27.81 3.63 19.73
N GLN A 62 26.83 3.54 20.62
CA GLN A 62 27.08 3.09 21.98
C GLN A 62 27.42 1.62 21.99
N TYR A 63 26.73 0.84 21.17
CA TYR A 63 27.03 -0.58 21.08
C TYR A 63 28.50 -0.79 20.75
N THR A 64 29.01 0.03 19.83
CA THR A 64 30.41 -0.06 19.43
C THR A 64 31.34 0.28 20.61
N LYS A 65 31.06 1.36 21.33
CA LYS A 65 31.87 1.74 22.49
C LYS A 65 31.94 0.63 23.55
N LYS A 66 30.85 -0.13 23.69
CA LYS A 66 30.80 -1.21 24.65
C LYS A 66 31.52 -2.48 24.18
N THR A 67 31.32 -2.89 22.93
CA THR A 67 31.90 -4.14 22.39
C THR A 67 33.10 -3.97 21.48
N GLY A 68 33.20 -2.81 20.83
CA GLY A 68 34.30 -2.56 19.91
C GLY A 68 34.01 -3.15 18.54
N ILE A 69 32.73 -3.46 18.30
CA ILE A 69 32.28 -3.97 17.03
C ILE A 69 31.65 -2.81 16.30
N LYS A 70 32.16 -2.47 15.12
CA LYS A 70 31.55 -1.41 14.35
C LYS A 70 30.21 -1.93 13.81
N VAL A 71 29.26 -1.03 13.56
CA VAL A 71 27.97 -1.41 13.03
C VAL A 71 27.68 -0.59 11.80
N LYS A 72 27.54 -1.25 10.65
CA LYS A 72 27.14 -0.54 9.44
C LYS A 72 25.61 -0.63 9.38
N LEU A 73 24.99 0.52 9.09
CA LEU A 73 23.54 0.65 8.98
C LEU A 73 23.19 0.95 7.56
N VAL A 74 22.16 0.30 7.00
CA VAL A 74 21.77 0.58 5.61
C VAL A 74 20.28 0.86 5.55
N ASN A 75 19.90 1.98 4.94
CA ASN A 75 18.50 2.40 4.85
C ASN A 75 17.78 1.67 3.76
N ILE A 76 16.97 0.70 4.14
CA ILE A 76 16.19 -0.05 3.16
C ILE A 76 14.79 -0.31 3.72
N GLY A 77 13.78 0.22 3.01
CA GLY A 77 12.38 0.05 3.39
C GLY A 77 12.04 -1.40 3.70
N GLN A 78 11.19 -1.61 4.70
CA GLN A 78 10.81 -2.97 5.08
C GLN A 78 10.02 -3.70 3.99
N ASN A 79 9.37 -2.97 3.08
CA ASN A 79 8.62 -3.61 2.00
C ASN A 79 9.55 -4.13 0.92
N ASP A 80 10.84 -3.84 1.03
CA ASP A 80 11.84 -4.25 0.03
C ASP A 80 12.95 -5.14 0.60
N GLN A 81 12.98 -5.32 1.92
CA GLN A 81 14.06 -6.07 2.53
C GLN A 81 14.08 -7.55 2.17
N LEU A 82 12.94 -8.21 2.07
CA LEU A 82 12.94 -9.63 1.68
C LEU A 82 13.47 -9.83 0.28
N GLU A 83 12.90 -9.11 -0.68
CA GLU A 83 13.33 -9.24 -2.06
C GLU A 83 14.84 -8.93 -2.18
N ASN A 84 15.31 -7.87 -1.53
CA ASN A 84 16.73 -7.52 -1.61
C ASN A 84 17.64 -8.57 -0.97
N ILE A 85 17.29 -8.98 0.26
CA ILE A 85 18.11 -9.95 0.99
C ILE A 85 18.12 -11.25 0.23
N SER A 86 17.02 -11.53 -0.46
CA SER A 86 16.91 -12.71 -1.32
C SER A 86 18.04 -12.77 -2.34
N LEU A 87 18.48 -11.61 -2.80
CA LEU A 87 19.58 -11.52 -3.75
C LEU A 87 20.95 -11.29 -3.10
N ASP A 88 21.05 -10.25 -2.29
CA ASP A 88 22.32 -9.86 -1.64
C ASP A 88 22.88 -10.88 -0.64
N ALA A 89 22.01 -11.58 0.09
CA ALA A 89 22.47 -12.57 1.09
C ALA A 89 23.40 -13.64 0.47
N PRO A 90 22.93 -14.37 -0.56
CA PRO A 90 23.76 -15.38 -1.23
C PRO A 90 25.06 -14.84 -1.80
N ALA A 91 25.07 -13.57 -2.21
CA ALA A 91 26.27 -12.94 -2.77
C ALA A 91 27.24 -12.54 -1.68
N GLY A 92 26.89 -12.82 -0.43
CA GLY A 92 27.75 -12.50 0.70
C GLY A 92 27.71 -11.04 1.13
N LYS A 93 26.94 -10.22 0.43
CA LYS A 93 26.89 -8.78 0.74
C LYS A 93 25.55 -8.37 1.33
N GLY A 94 25.10 -9.19 2.29
CA GLY A 94 23.84 -8.97 2.98
C GLY A 94 24.05 -8.59 4.43
N PRO A 95 22.95 -8.25 5.10
CA PRO A 95 23.05 -7.84 6.49
C PRO A 95 23.14 -9.03 7.42
N ASP A 96 23.45 -8.75 8.67
CA ASP A 96 23.48 -9.76 9.69
C ASP A 96 22.09 -9.80 10.30
N ILE A 97 21.50 -8.62 10.51
CA ILE A 97 20.14 -8.54 11.02
C ILE A 97 19.35 -7.58 10.15
N PHE A 98 18.10 -7.95 9.85
CA PHE A 98 17.24 -7.14 8.99
C PHE A 98 15.85 -6.92 9.63
N PHE A 99 15.00 -6.13 8.96
CA PHE A 99 13.74 -5.66 9.56
C PHE A 99 12.57 -5.85 8.67
N LEU A 100 11.54 -6.50 9.20
CA LEU A 100 10.32 -6.78 8.46
C LEU A 100 9.04 -6.72 9.31
N ALA A 101 7.89 -6.59 8.65
CA ALA A 101 6.62 -6.73 9.33
C ALA A 101 6.49 -8.25 9.56
N HIS A 102 5.86 -8.65 10.67
CA HIS A 102 5.77 -10.06 11.05
C HIS A 102 4.97 -10.91 10.06
N ASP A 103 4.11 -10.29 9.26
CA ASP A 103 3.30 -11.02 8.28
C ASP A 103 4.20 -11.86 7.34
N ASN A 104 5.44 -11.41 7.19
CA ASN A 104 6.42 -12.09 6.35
C ASN A 104 7.23 -13.23 7.03
N THR A 105 6.97 -13.49 8.31
CA THR A 105 7.75 -14.47 9.06
C THR A 105 7.86 -15.81 8.35
N GLY A 106 6.75 -16.34 7.89
CA GLY A 106 6.76 -17.63 7.22
C GLY A 106 7.55 -17.68 5.94
N SER A 107 7.42 -16.63 5.13
N SER A 107 7.40 -16.65 5.10
CA SER A 107 8.11 -16.58 3.87
CA SER A 107 8.12 -16.57 3.85
C SER A 107 9.61 -16.48 4.08
C SER A 107 9.62 -16.47 4.07
N ALA A 108 10.01 -15.62 5.01
CA ALA A 108 11.42 -15.42 5.28
C ALA A 108 12.03 -16.70 5.72
N TYR A 109 11.26 -17.50 6.44
CA TYR A 109 11.74 -18.78 6.93
C TYR A 109 11.76 -19.84 5.83
N LEU A 110 10.66 -19.98 5.12
CA LEU A 110 10.59 -20.96 4.06
C LEU A 110 11.64 -20.73 2.97
N GLN A 111 11.94 -19.48 2.66
CA GLN A 111 12.94 -19.18 1.65
C GLN A 111 14.38 -19.51 2.09
N GLY A 112 14.59 -19.65 3.39
CA GLY A 112 15.91 -19.95 3.93
C GLY A 112 16.70 -18.69 4.22
N LEU A 113 16.00 -17.58 4.46
CA LEU A 113 16.60 -16.27 4.71
C LEU A 113 16.65 -15.96 6.21
N ALA A 114 15.54 -16.21 6.90
CA ALA A 114 15.44 -15.96 8.35
C ALA A 114 15.90 -17.18 9.15
N ALA A 115 16.81 -16.94 10.09
CA ALA A 115 17.35 -17.99 10.95
C ALA A 115 16.70 -17.94 12.32
N GLU A 116 16.60 -19.12 12.93
CA GLU A 116 16.00 -19.28 14.25
C GLU A 116 16.85 -18.57 15.27
N ILE A 117 16.22 -17.90 16.23
CA ILE A 117 16.94 -17.24 17.29
C ILE A 117 16.63 -18.00 18.57
N LYS A 118 17.66 -18.60 19.15
CA LYS A 118 17.54 -19.35 20.41
C LYS A 118 17.70 -18.33 21.51
N LEU A 119 16.74 -18.25 22.42
CA LEU A 119 16.80 -17.26 23.51
C LEU A 119 16.54 -17.88 24.85
N SER A 120 17.13 -17.30 25.88
CA SER A 120 16.94 -17.76 27.24
C SER A 120 15.73 -17.06 27.80
N LYS A 121 15.23 -17.58 28.93
CA LYS A 121 14.10 -16.94 29.59
C LYS A 121 14.43 -15.51 29.98
N ASP A 122 15.65 -15.28 30.49
N ASP A 122 15.63 -15.29 30.52
CA ASP A 122 16.07 -13.95 30.89
CA ASP A 122 16.06 -13.94 30.91
C ASP A 122 16.11 -13.01 29.69
C ASP A 122 16.12 -13.00 29.70
N GLU A 123 16.48 -13.55 28.54
CA GLU A 123 16.54 -12.75 27.30
C GLU A 123 15.13 -12.40 26.81
N LEU A 124 14.19 -13.35 26.98
CA LEU A 124 12.78 -13.15 26.60
C LEU A 124 12.03 -12.31 27.62
N LYS A 125 12.55 -12.23 28.84
CA LYS A 125 11.89 -11.46 29.90
C LYS A 125 11.73 -10.00 29.45
N GLY A 126 10.52 -9.47 29.61
CA GLY A 126 10.23 -8.11 29.21
C GLY A 126 9.50 -7.95 27.88
N PHE A 127 9.56 -8.95 27.01
CA PHE A 127 8.88 -8.88 25.71
C PHE A 127 7.41 -9.26 25.80
N ASN A 128 6.62 -8.61 24.95
CA ASN A 128 5.20 -8.87 24.76
C ASN A 128 5.10 -10.31 24.24
N LYS A 129 4.48 -11.17 25.05
N LYS A 129 4.51 -11.18 25.06
CA LYS A 129 4.36 -12.59 24.74
CA LYS A 129 4.39 -12.60 24.70
C LYS A 129 3.69 -12.86 23.39
C LYS A 129 3.70 -12.86 23.37
N GLN A 130 2.68 -12.06 23.05
CA GLN A 130 1.94 -12.19 21.80
C GLN A 130 2.71 -11.69 20.59
N ALA A 131 3.50 -10.63 20.77
CA ALA A 131 4.31 -10.11 19.69
C ALA A 131 5.31 -11.19 19.34
N LEU A 132 5.85 -11.85 20.35
CA LEU A 132 6.79 -12.94 20.12
C LEU A 132 6.14 -14.08 19.30
N LYS A 133 4.89 -14.46 19.61
CA LYS A 133 4.19 -15.50 18.83
C LYS A 133 4.01 -15.08 17.38
N ALA A 134 3.75 -13.80 17.19
CA ALA A 134 3.59 -13.24 15.86
C ALA A 134 4.86 -13.46 15.06
N MET A 135 5.99 -13.57 15.75
CA MET A 135 7.25 -13.79 15.08
C MET A 135 7.76 -15.21 15.25
N ASN A 136 6.84 -16.12 15.53
CA ASN A 136 7.16 -17.53 15.74
C ASN A 136 6.44 -18.36 14.70
N TYR A 137 7.23 -19.08 13.89
CA TYR A 137 6.70 -19.92 12.83
C TYR A 137 7.40 -21.24 12.86
N ASP A 138 6.65 -22.29 12.51
CA ASP A 138 7.14 -23.65 12.50
C ASP A 138 7.78 -23.98 13.84
N ASN A 139 7.23 -23.34 14.87
CA ASN A 139 7.64 -23.52 16.24
C ASN A 139 9.04 -22.99 16.56
N LYS A 140 9.46 -21.95 15.83
CA LYS A 140 10.77 -21.33 16.02
C LYS A 140 10.69 -19.80 16.13
N GLN A 141 11.38 -19.23 17.11
CA GLN A 141 11.36 -17.77 17.25
C GLN A 141 12.28 -17.24 16.17
N LEU A 142 11.75 -16.37 15.32
CA LEU A 142 12.50 -15.87 14.16
C LEU A 142 12.76 -14.36 14.17
N ALA A 143 12.19 -13.67 15.13
CA ALA A 143 12.42 -12.23 15.26
C ALA A 143 12.06 -11.74 16.67
N LEU A 144 12.52 -10.54 16.97
CA LEU A 144 12.26 -9.88 18.24
C LEU A 144 11.52 -8.65 17.88
N PRO A 145 10.36 -8.43 18.51
CA PRO A 145 9.50 -7.31 18.17
C PRO A 145 10.03 -5.97 18.62
N ALA A 146 10.02 -4.99 17.72
CA ALA A 146 10.48 -3.64 18.03
C ALA A 146 9.28 -2.73 18.14
N ILE A 147 8.42 -2.76 17.12
CA ILE A 147 7.20 -1.93 17.07
C ILE A 147 5.94 -2.79 17.01
N VAL A 148 4.90 -2.36 17.70
CA VAL A 148 3.63 -3.04 17.68
C VAL A 148 2.54 -2.05 17.36
N GLU A 149 1.44 -2.57 16.84
CA GLU A 149 0.35 -1.71 16.42
C GLU A 149 -0.99 -2.45 16.50
N THR A 150 -1.99 -1.77 17.07
CA THR A 150 -3.35 -2.26 17.15
C THR A 150 -4.27 -1.05 17.10
N THR A 151 -5.56 -1.28 16.95
CA THR A 151 -6.52 -0.21 17.06
C THR A 151 -6.82 -0.04 18.56
N ALA A 152 -7.67 0.93 18.87
CA ALA A 152 -8.16 1.14 20.25
C ALA A 152 -9.42 1.99 20.06
N LEU A 153 -10.07 2.34 21.16
N LEU A 153 -10.09 2.34 21.15
CA LEU A 153 -11.31 3.10 21.07
CA LEU A 153 -11.31 3.10 21.05
C LEU A 153 -11.14 4.52 21.55
C LEU A 153 -11.15 4.52 21.55
N PHE A 154 -11.23 5.47 20.63
CA PHE A 154 -11.14 6.87 20.96
C PHE A 154 -12.54 7.35 21.23
N TYR A 155 -12.69 8.35 22.08
CA TYR A 155 -14.02 8.94 22.30
C TYR A 155 -13.91 10.41 22.59
N ASN A 156 -14.92 11.14 22.12
CA ASN A 156 -15.01 12.57 22.29
C ASN A 156 -15.78 12.80 23.55
N LYS A 157 -15.08 13.24 24.60
CA LYS A 157 -15.73 13.43 25.90
C LYS A 157 -16.86 14.43 25.90
N LYS A 158 -16.96 15.28 24.87
CA LYS A 158 -18.07 16.24 24.82
C LYS A 158 -19.38 15.52 24.51
N LEU A 159 -19.29 14.34 23.90
CA LEU A 159 -20.47 13.55 23.53
C LEU A 159 -20.66 12.31 24.40
N VAL A 160 -19.56 11.60 24.63
CA VAL A 160 -19.55 10.40 25.47
C VAL A 160 -18.62 10.72 26.64
N LYS A 161 -19.21 10.94 27.82
CA LYS A 161 -18.44 11.34 28.99
C LYS A 161 -17.62 10.24 29.63
N ASN A 162 -18.11 9.01 29.54
CA ASN A 162 -17.44 7.88 30.18
C ASN A 162 -16.97 6.86 29.20
N ALA A 163 -15.78 6.31 29.47
CA ALA A 163 -15.20 5.30 28.63
C ALA A 163 -16.15 4.10 28.60
N PRO A 164 -16.54 3.66 27.38
CA PRO A 164 -17.43 2.51 27.29
C PRO A 164 -16.71 1.21 27.69
N GLN A 165 -17.35 0.40 28.52
CA GLN A 165 -16.75 -0.83 29.02
C GLN A 165 -17.19 -2.08 28.28
N THR A 166 -18.40 -2.02 27.74
CA THR A 166 -19.01 -3.12 27.02
C THR A 166 -19.41 -2.66 25.63
N LEU A 167 -19.59 -3.62 24.72
CA LEU A 167 -20.03 -3.31 23.38
C LEU A 167 -21.51 -2.85 23.41
N GLU A 168 -22.22 -3.26 24.45
CA GLU A 168 -23.61 -2.85 24.61
C GLU A 168 -23.66 -1.34 24.91
N GLU A 169 -22.74 -0.87 25.73
CA GLU A 169 -22.61 0.55 26.03
C GLU A 169 -22.25 1.32 24.76
N VAL A 170 -21.33 0.76 23.96
CA VAL A 170 -20.95 1.34 22.68
C VAL A 170 -22.16 1.48 21.74
N GLU A 171 -22.96 0.42 21.67
CA GLU A 171 -24.20 0.43 20.88
C GLU A 171 -25.18 1.41 21.44
N ALA A 172 -25.27 1.45 22.78
CA ALA A 172 -26.22 2.33 23.43
C ALA A 172 -25.85 3.77 23.14
N ASN A 173 -24.57 4.09 23.16
CA ASN A 173 -24.17 5.44 22.83
C ASN A 173 -24.49 5.69 21.35
N ALA A 174 -24.32 4.66 20.52
CA ALA A 174 -24.68 4.74 19.10
C ALA A 174 -26.17 5.14 18.93
N ALA A 175 -27.06 4.45 19.65
CA ALA A 175 -28.50 4.70 19.58
C ALA A 175 -28.87 6.10 20.02
N LYS A 176 -28.10 6.62 20.95
CA LYS A 176 -28.40 7.92 21.54
C LYS A 176 -27.88 9.08 20.70
N LEU A 177 -26.63 8.96 20.26
CA LEU A 177 -25.93 10.04 19.58
C LEU A 177 -26.04 10.08 18.06
N THR A 178 -26.37 8.97 17.43
CA THR A 178 -26.48 8.96 15.99
C THR A 178 -27.71 9.74 15.59
N ASP A 179 -27.53 10.72 14.71
CA ASP A 179 -28.63 11.57 14.27
C ASP A 179 -28.51 12.04 12.82
N SER A 180 -29.43 11.55 11.98
CA SER A 180 -29.52 11.93 10.57
C SER A 180 -29.22 13.41 10.37
N LYS A 181 -29.90 14.23 11.16
CA LYS A 181 -29.81 15.70 11.06
C LYS A 181 -28.39 16.22 11.13
N LYS A 182 -27.83 16.21 12.33
CA LYS A 182 -26.53 16.77 12.59
C LYS A 182 -25.36 16.09 11.85
N LYS A 183 -25.62 15.00 11.13
CA LYS A 183 -24.54 14.25 10.47
C LYS A 183 -23.62 13.71 11.58
N GLN A 184 -24.23 13.40 12.72
CA GLN A 184 -23.53 12.96 13.90
C GLN A 184 -23.69 11.45 14.09
N TYR A 185 -22.60 10.77 14.40
CA TYR A 185 -22.63 9.34 14.61
C TYR A 185 -22.15 8.96 16.00
N GLY A 186 -22.86 8.01 16.62
CA GLY A 186 -22.47 7.52 17.94
C GLY A 186 -21.21 6.68 17.88
N MET A 187 -21.09 5.82 16.89
CA MET A 187 -19.90 5.03 16.76
C MET A 187 -19.46 4.87 15.31
N LEU A 188 -18.15 4.77 15.11
CA LEU A 188 -17.61 4.53 13.79
C LEU A 188 -16.40 3.62 13.78
N PHE A 189 -16.24 2.98 12.64
CA PHE A 189 -15.05 2.22 12.30
C PHE A 189 -15.25 1.82 10.84
N ASP A 190 -14.16 1.57 10.13
CA ASP A 190 -14.25 1.18 8.74
C ASP A 190 -14.59 -0.30 8.69
N ALA A 191 -15.88 -0.58 8.88
CA ALA A 191 -16.42 -1.92 8.91
C ALA A 191 -16.29 -2.69 7.59
N LYS A 192 -15.92 -2.01 6.50
CA LYS A 192 -15.77 -2.71 5.21
C LYS A 192 -14.38 -3.34 5.14
N ASN A 193 -13.51 -2.97 6.07
CA ASN A 193 -12.15 -3.46 6.09
C ASN A 193 -12.00 -4.52 7.19
N PHE A 194 -11.65 -5.72 6.78
CA PHE A 194 -11.50 -6.83 7.70
C PHE A 194 -10.52 -6.54 8.82
N TYR A 195 -9.51 -5.73 8.55
CA TYR A 195 -8.56 -5.37 9.58
C TYR A 195 -9.26 -4.63 10.75
N PHE A 196 -10.22 -3.76 10.44
CA PHE A 196 -10.90 -3.01 11.46
C PHE A 196 -12.12 -3.75 12.05
N ASN A 197 -12.83 -4.51 11.25
CA ASN A 197 -14.01 -5.19 11.80
C ASN A 197 -13.70 -6.52 12.49
N TYR A 198 -12.45 -6.96 12.44
CA TYR A 198 -12.06 -8.23 13.04
C TYR A 198 -12.52 -8.42 14.49
N PRO A 199 -12.20 -7.49 15.40
CA PRO A 199 -12.61 -7.74 16.79
C PRO A 199 -14.12 -7.74 16.97
N PHE A 200 -14.86 -7.11 16.06
CA PHE A 200 -16.30 -7.12 16.14
C PHE A 200 -16.85 -8.45 15.62
N LEU A 201 -16.08 -9.13 14.77
CA LEU A 201 -16.52 -10.40 14.19
C LEU A 201 -15.99 -11.65 14.92
N PHE A 202 -14.77 -11.58 15.47
CA PHE A 202 -14.14 -12.75 16.10
C PHE A 202 -13.83 -12.65 17.62
N GLY A 203 -14.45 -13.54 18.40
CA GLY A 203 -14.21 -13.62 19.83
C GLY A 203 -13.12 -14.64 20.12
N ASN A 204 -13.06 -15.13 21.35
CA ASN A 204 -12.03 -16.11 21.72
C ASN A 204 -12.03 -17.46 21.02
N ASP A 205 -13.20 -18.07 20.93
CA ASP A 205 -13.33 -19.40 20.32
C ASP A 205 -13.20 -19.39 18.80
N ASP A 206 -13.43 -18.23 18.19
CA ASP A 206 -13.41 -18.10 16.74
C ASP A 206 -11.97 -18.02 16.20
N TYR A 207 -11.79 -18.20 14.89
CA TYR A 207 -10.46 -18.15 14.28
C TYR A 207 -10.47 -17.98 12.78
N ILE A 208 -9.33 -17.60 12.24
CA ILE A 208 -9.16 -17.46 10.80
C ILE A 208 -8.68 -18.81 10.30
N PHE A 209 -7.55 -19.26 10.85
CA PHE A 209 -7.04 -20.59 10.57
C PHE A 209 -6.94 -21.26 11.93
N LYS A 210 -7.32 -22.52 11.99
CA LYS A 210 -7.29 -23.26 13.23
C LYS A 210 -5.87 -23.28 13.77
N LYS A 211 -5.67 -22.86 15.03
CA LYS A 211 -4.35 -22.86 15.68
C LYS A 211 -4.07 -24.17 16.43
N ASN A 212 -2.86 -24.68 16.29
CA ASN A 212 -2.41 -25.88 17.01
C ASN A 212 -1.25 -25.43 17.94
N GLY A 213 -1.48 -24.33 18.68
CA GLY A 213 -0.48 -23.75 19.57
C GLY A 213 -0.03 -22.40 19.01
N SER A 214 1.05 -22.40 18.24
CA SER A 214 1.56 -21.16 17.61
C SER A 214 1.69 -21.37 16.08
N GLU A 215 1.12 -22.49 15.62
CA GLU A 215 1.10 -22.90 14.21
C GLU A 215 -0.34 -22.85 13.66
N TYR A 216 -0.51 -22.82 12.33
CA TYR A 216 -1.84 -22.73 11.73
C TYR A 216 -2.11 -23.81 10.69
N ASP A 217 -3.32 -24.37 10.72
CA ASP A 217 -3.75 -25.35 9.73
C ASP A 217 -4.43 -24.49 8.64
N ILE A 218 -3.85 -24.50 7.45
CA ILE A 218 -4.35 -23.71 6.33
C ILE A 218 -5.58 -24.32 5.63
N HIS A 219 -5.89 -25.58 5.94
CA HIS A 219 -7.06 -26.23 5.35
C HIS A 219 -8.22 -26.28 6.31
N GLN A 220 -8.17 -25.46 7.34
CA GLN A 220 -9.24 -25.45 8.32
C GLN A 220 -9.53 -23.99 8.63
N LEU A 221 -10.47 -23.43 7.88
CA LEU A 221 -10.87 -22.02 8.00
C LEU A 221 -12.08 -21.85 8.88
N GLY A 222 -12.08 -20.79 9.69
CA GLY A 222 -13.19 -20.52 10.62
C GLY A 222 -13.97 -19.25 10.32
N LEU A 223 -13.79 -18.70 9.13
CA LEU A 223 -14.42 -17.45 8.75
C LEU A 223 -15.93 -17.51 8.65
N ASN A 224 -16.49 -18.70 8.47
CA ASN A 224 -17.92 -18.84 8.31
C ASN A 224 -18.55 -19.70 9.41
N SER A 225 -18.04 -19.57 10.63
N SER A 225 -18.03 -19.56 10.62
CA SER A 225 -18.57 -20.32 11.75
CA SER A 225 -18.56 -20.29 11.77
C SER A 225 -19.83 -19.63 12.25
C SER A 225 -19.83 -19.63 12.25
N LYS A 226 -20.69 -20.42 12.89
CA LYS A 226 -21.98 -19.96 13.44
C LYS A 226 -21.84 -18.62 14.13
N HIS A 227 -20.80 -18.49 14.95
CA HIS A 227 -20.57 -17.30 15.76
C HIS A 227 -20.05 -16.11 14.95
N VAL A 228 -19.30 -16.33 13.89
CA VAL A 228 -18.83 -15.21 13.06
C VAL A 228 -19.98 -14.64 12.24
N VAL A 229 -20.81 -15.54 11.75
CA VAL A 229 -22.00 -15.20 10.99
C VAL A 229 -22.93 -14.38 11.87
N LYS A 230 -23.10 -14.84 13.10
CA LYS A 230 -23.96 -14.18 14.06
C LYS A 230 -23.45 -12.77 14.31
N ASN A 231 -22.14 -12.63 14.51
CA ASN A 231 -21.53 -11.31 14.69
C ASN A 231 -21.62 -10.49 13.40
N ALA A 232 -21.54 -11.14 12.25
CA ALA A 232 -21.65 -10.46 10.98
C ALA A 232 -23.10 -9.96 10.78
N GLU A 233 -24.09 -10.71 11.27
CA GLU A 233 -25.49 -10.27 11.19
C GLU A 233 -25.69 -9.06 12.10
N ARG A 234 -24.95 -9.01 13.21
CA ARG A 234 -25.02 -7.85 14.08
C ARG A 234 -24.44 -6.64 13.35
N LEU A 235 -23.30 -6.83 12.70
CA LEU A 235 -22.69 -5.76 11.90
C LEU A 235 -23.66 -5.22 10.86
N GLN A 236 -24.35 -6.12 10.19
CA GLN A 236 -25.35 -5.72 9.20
C GLN A 236 -26.45 -4.89 9.84
N LYS A 237 -26.83 -5.24 11.05
CA LYS A 237 -27.88 -4.53 11.77
C LYS A 237 -27.46 -3.10 12.11
N TRP A 238 -26.18 -2.87 12.37
CA TRP A 238 -25.72 -1.54 12.69
C TRP A 238 -25.85 -0.67 11.46
N TYR A 239 -25.58 -1.23 10.28
CA TYR A 239 -25.76 -0.51 9.02
C TYR A 239 -27.22 -0.19 8.80
N ASP A 240 -28.08 -1.18 9.00
CA ASP A 240 -29.52 -0.98 8.83
C ASP A 240 -30.05 0.12 9.75
N LYS A 241 -29.56 0.15 10.99
CA LYS A 241 -30.00 1.14 11.97
C LYS A 241 -29.39 2.55 11.79
N GLY A 242 -28.53 2.71 10.80
CA GLY A 242 -27.92 4.01 10.53
C GLY A 242 -26.70 4.38 11.35
N TYR A 243 -26.14 3.42 12.09
CA TYR A 243 -24.99 3.70 12.93
C TYR A 243 -23.71 3.80 12.10
N LEU A 244 -23.54 2.91 11.13
CA LEU A 244 -22.38 2.96 10.25
C LEU A 244 -22.85 3.38 8.87
N PRO A 245 -22.29 4.46 8.35
CA PRO A 245 -22.66 4.95 7.03
C PRO A 245 -21.97 4.18 5.91
N LYS A 246 -22.71 3.77 4.90
CA LYS A 246 -22.10 2.98 3.82
C LYS A 246 -21.17 3.85 2.97
N ALA A 247 -21.47 5.14 2.85
CA ALA A 247 -20.66 6.01 1.99
C ALA A 247 -19.25 6.36 2.52
N ALA A 248 -19.07 6.44 3.83
CA ALA A 248 -17.81 6.90 4.39
C ALA A 248 -16.67 5.89 4.33
N THR A 249 -15.46 6.41 4.13
CA THR A 249 -14.24 5.62 4.12
C THR A 249 -13.47 5.97 5.38
N HIS A 250 -12.43 5.22 5.68
CA HIS A 250 -11.66 5.49 6.89
C HIS A 250 -11.22 6.96 6.93
N ASP A 251 -10.77 7.49 5.81
CA ASP A 251 -10.36 8.90 5.80
C ASP A 251 -11.49 9.84 6.15
N VAL A 252 -12.70 9.57 5.66
CA VAL A 252 -13.86 10.40 5.98
C VAL A 252 -14.17 10.33 7.47
N MET A 253 -13.98 9.13 8.02
CA MET A 253 -14.25 8.91 9.43
C MET A 253 -13.28 9.69 10.27
N ILE A 254 -12.03 9.75 9.86
CA ILE A 254 -11.04 10.56 10.55
C ILE A 254 -11.49 12.02 10.55
N GLY A 255 -11.92 12.50 9.38
CA GLY A 255 -12.37 13.87 9.26
C GLY A 255 -13.59 14.20 10.13
N LEU A 256 -14.57 13.29 10.16
CA LEU A 256 -15.79 13.49 10.94
C LEU A 256 -15.54 13.49 12.45
N PHE A 257 -14.60 12.67 12.89
CA PHE A 257 -14.26 12.63 14.28
C PHE A 257 -13.63 13.95 14.69
N LYS A 258 -12.77 14.48 13.83
CA LYS A 258 -12.15 15.78 14.06
C LYS A 258 -13.15 16.93 14.00
N GLU A 259 -14.26 16.77 13.29
CA GLU A 259 -15.25 17.84 13.29
C GLU A 259 -16.13 17.81 14.55
N GLY A 260 -15.90 16.84 15.43
CA GLY A 260 -16.66 16.72 16.68
C GLY A 260 -18.03 16.13 16.44
N LYS A 261 -18.15 15.29 15.42
CA LYS A 261 -19.44 14.68 15.07
C LYS A 261 -19.52 13.22 15.39
N VAL A 262 -18.48 12.66 16.01
CA VAL A 262 -18.46 11.24 16.25
C VAL A 262 -18.16 10.97 17.68
N GLY A 263 -19.09 10.25 18.33
CA GLY A 263 -18.93 9.93 19.72
C GLY A 263 -17.76 9.02 20.04
N GLN A 264 -17.69 7.90 19.32
CA GLN A 264 -16.70 6.85 19.55
C GLN A 264 -16.10 6.45 18.23
N PHE A 265 -14.80 6.18 18.18
CA PHE A 265 -14.16 5.83 16.93
C PHE A 265 -13.03 4.84 17.16
N VAL A 266 -13.17 3.66 16.57
CA VAL A 266 -12.18 2.62 16.68
C VAL A 266 -11.25 2.79 15.50
N THR A 267 -9.97 3.00 15.80
CA THR A 267 -8.97 3.24 14.78
C THR A 267 -7.57 3.06 15.40
N GLY A 268 -6.53 3.23 14.59
CA GLY A 268 -5.16 3.05 15.06
C GLY A 268 -4.63 4.27 15.76
N PRO A 269 -3.35 4.27 16.13
CA PRO A 269 -2.75 5.38 16.84
C PRO A 269 -2.14 6.43 15.93
N TRP A 270 -2.35 6.27 14.63
CA TRP A 270 -1.72 7.11 13.60
C TRP A 270 -2.00 8.59 13.66
N ASN A 271 -3.21 8.98 14.03
CA ASN A 271 -3.59 10.40 14.06
C ASN A 271 -3.70 10.93 15.48
N ILE A 272 -3.05 10.26 16.40
CA ILE A 272 -3.21 10.60 17.79
C ILE A 272 -2.86 12.06 18.11
N ASN A 273 -1.77 12.56 17.53
CA ASN A 273 -1.34 13.92 17.79
C ASN A 273 -2.31 14.98 17.24
N GLU A 274 -3.03 14.65 16.17
CA GLU A 274 -3.96 15.63 15.62
C GLU A 274 -5.26 15.62 16.37
N TYR A 275 -5.56 14.51 17.04
CA TYR A 275 -6.77 14.45 17.88
C TYR A 275 -6.51 15.19 19.20
N GLN A 276 -5.29 15.06 19.71
CA GLN A 276 -4.90 15.76 20.92
C GLN A 276 -4.95 17.26 20.65
N GLU A 277 -4.42 17.66 19.50
CA GLU A 277 -4.39 19.06 19.12
C GLU A 277 -5.82 19.61 19.01
N THR A 278 -6.74 18.79 18.49
CA THR A 278 -8.13 19.22 18.32
C THR A 278 -8.95 19.17 19.60
N PHE A 279 -8.80 18.10 20.37
CA PHE A 279 -9.63 17.93 21.55
C PHE A 279 -9.02 18.23 22.91
N GLY A 280 -7.70 18.23 23.03
CA GLY A 280 -7.11 18.50 24.31
C GLY A 280 -7.62 17.50 25.33
N LYS A 281 -8.17 17.99 26.44
CA LYS A 281 -8.62 17.10 27.52
C LYS A 281 -9.90 16.34 27.21
N ASP A 282 -10.56 16.68 26.10
CA ASP A 282 -11.80 16.02 25.69
C ASP A 282 -11.55 14.82 24.81
N LEU A 283 -10.30 14.39 24.70
CA LEU A 283 -9.95 13.20 23.95
C LEU A 283 -9.82 12.06 24.93
N GLY A 284 -10.69 11.06 24.77
CA GLY A 284 -10.64 9.91 25.61
C GLY A 284 -10.09 8.78 24.79
N VAL A 285 -9.32 7.90 25.42
CA VAL A 285 -8.87 6.68 24.76
C VAL A 285 -9.04 5.53 25.74
N THR A 286 -9.60 4.42 25.27
CA THR A 286 -9.75 3.24 26.10
C THR A 286 -9.60 1.99 25.23
N THR A 287 -9.29 0.87 25.87
CA THR A 287 -9.14 -0.40 25.16
C THR A 287 -10.52 -0.84 24.71
N LEU A 288 -10.57 -1.71 23.71
CA LEU A 288 -11.82 -2.20 23.20
C LEU A 288 -12.56 -2.90 24.33
N PRO A 289 -13.89 -2.76 24.36
CA PRO A 289 -14.71 -3.30 25.44
C PRO A 289 -14.94 -4.80 25.37
N THR A 290 -15.59 -5.34 26.39
CA THR A 290 -15.94 -6.73 26.41
C THR A 290 -17.14 -6.92 25.51
N ASP A 291 -17.26 -8.12 24.97
CA ASP A 291 -18.39 -8.45 24.11
C ASP A 291 -19.03 -9.75 24.62
N GLY A 292 -19.69 -9.64 25.77
CA GLY A 292 -20.35 -10.78 26.39
C GLY A 292 -19.39 -11.75 27.06
N GLY A 293 -18.09 -11.49 26.96
CA GLY A 293 -17.06 -12.33 27.58
C GLY A 293 -15.82 -11.53 27.95
N LYS A 294 -14.67 -11.98 27.46
CA LYS A 294 -13.39 -11.30 27.72
C LYS A 294 -13.32 -10.03 26.87
N PRO A 295 -12.38 -9.12 27.19
CA PRO A 295 -12.26 -7.92 26.35
C PRO A 295 -11.95 -8.27 24.89
N MET A 296 -12.47 -7.49 23.93
CA MET A 296 -12.28 -7.80 22.52
C MET A 296 -10.82 -7.65 22.17
N LYS A 297 -10.36 -8.50 21.25
CA LYS A 297 -9.00 -8.51 20.79
C LYS A 297 -8.92 -8.05 19.34
N PRO A 298 -8.25 -6.92 19.10
CA PRO A 298 -8.05 -6.49 17.74
C PRO A 298 -6.83 -7.19 17.19
N PHE A 299 -6.58 -7.07 15.90
CA PHE A 299 -5.36 -7.62 15.34
C PHE A 299 -4.15 -6.90 15.94
N LEU A 300 -3.04 -7.62 16.03
CA LEU A 300 -1.76 -7.07 16.46
C LEU A 300 -0.80 -7.16 15.27
N GLY A 301 -0.16 -6.04 14.95
CA GLY A 301 0.82 -5.99 13.86
C GLY A 301 2.16 -5.68 14.47
N VAL A 302 3.15 -6.50 14.15
CA VAL A 302 4.45 -6.36 14.74
C VAL A 302 5.52 -6.20 13.71
N ARG A 303 6.48 -5.33 13.97
CA ARG A 303 7.64 -5.14 13.09
C ARG A 303 8.89 -5.32 13.93
N GLY A 304 9.88 -6.02 13.41
CA GLY A 304 11.09 -6.25 14.20
C GLY A 304 12.24 -6.85 13.46
N TRP A 305 13.24 -7.28 14.23
CA TRP A 305 14.48 -7.77 13.69
C TRP A 305 14.58 -9.25 13.48
N TYR A 306 15.06 -9.62 12.28
CA TYR A 306 15.27 -11.01 11.90
C TYR A 306 16.74 -11.22 11.68
N LEU A 307 17.18 -12.46 11.83
CA LEU A 307 18.58 -12.87 11.70
C LEU A 307 18.85 -13.57 10.38
N SER A 308 19.80 -13.04 9.60
CA SER A 308 20.11 -13.64 8.31
C SER A 308 20.78 -14.98 8.48
N GLU A 309 20.24 -15.97 7.77
CA GLU A 309 20.86 -17.27 7.72
C GLU A 309 22.26 -17.18 7.15
N TYR A 310 22.51 -16.10 6.43
CA TYR A 310 23.79 -15.87 5.79
C TYR A 310 24.72 -15.02 6.63
N SER A 311 24.34 -14.78 7.89
CA SER A 311 25.22 -14.06 8.78
C SER A 311 26.39 -14.99 9.11
N LYS A 312 27.61 -14.52 9.05
CA LYS A 312 28.72 -15.38 9.45
C LYS A 312 29.00 -15.17 10.94
N HIS A 313 28.23 -14.31 11.60
CA HIS A 313 28.44 -14.05 13.02
C HIS A 313 27.13 -14.04 13.84
N LYS A 314 26.33 -15.08 13.67
CA LYS A 314 25.02 -15.15 14.33
C LYS A 314 25.04 -14.82 15.82
N TYR A 315 25.97 -15.40 16.56
CA TYR A 315 26.04 -15.14 17.99
C TYR A 315 26.02 -13.64 18.34
N TRP A 316 26.96 -12.89 17.76
CA TRP A 316 27.06 -11.44 18.00
C TRP A 316 25.98 -10.65 17.28
N ALA A 317 25.46 -11.18 16.18
CA ALA A 317 24.36 -10.50 15.49
C ALA A 317 23.20 -10.47 16.48
N LYS A 318 23.02 -11.58 17.18
CA LYS A 318 21.97 -11.69 18.21
C LYS A 318 22.28 -10.77 19.37
N ASP A 319 23.54 -10.76 19.80
CA ASP A 319 23.97 -9.88 20.89
C ASP A 319 23.55 -8.42 20.60
N LEU A 320 23.68 -8.03 19.33
CA LEU A 320 23.28 -6.72 18.85
C LEU A 320 21.73 -6.54 18.82
N MET A 321 21.00 -7.54 18.31
N MET A 321 21.01 -7.55 18.33
CA MET A 321 19.54 -7.46 18.30
CA MET A 321 19.56 -7.48 18.27
C MET A 321 19.06 -7.22 19.73
C MET A 321 19.02 -7.28 19.70
N LEU A 322 19.60 -7.99 20.65
CA LEU A 322 19.21 -7.89 22.05
C LEU A 322 19.51 -6.51 22.60
N TYR A 323 20.64 -5.93 22.20
CA TYR A 323 20.99 -4.60 22.69
C TYR A 323 20.03 -3.55 22.14
N ILE A 324 19.71 -3.65 20.86
CA ILE A 324 18.83 -2.70 20.21
C ILE A 324 17.37 -2.93 20.57
N THR A 325 17.04 -4.06 21.17
CA THR A 325 15.67 -4.31 21.61
C THR A 325 15.59 -4.34 23.14
N SER A 326 16.49 -3.63 23.81
CA SER A 326 16.51 -3.61 25.26
C SER A 326 15.49 -2.64 25.81
N LYS A 327 15.25 -2.72 27.11
CA LYS A 327 14.35 -1.81 27.77
C LYS A 327 14.88 -0.40 27.57
N ASP A 328 16.20 -0.24 27.78
CA ASP A 328 16.84 1.06 27.63
C ASP A 328 16.64 1.64 26.22
N THR A 329 16.81 0.81 25.20
CA THR A 329 16.70 1.29 23.83
C THR A 329 15.27 1.59 23.43
N LEU A 330 14.38 0.61 23.51
CA LEU A 330 12.99 0.83 23.11
C LEU A 330 12.26 1.88 23.94
N GLN A 331 12.72 2.14 25.15
CA GLN A 331 12.11 3.20 25.95
C GLN A 331 12.51 4.51 25.27
N LYS A 332 13.78 4.68 24.97
CA LYS A 332 14.20 5.89 24.26
C LYS A 332 13.45 5.99 22.94
N TYR A 333 13.16 4.83 22.34
CA TYR A 333 12.47 4.78 21.05
C TYR A 333 11.04 5.27 21.13
N THR A 334 10.31 4.82 22.15
CA THR A 334 8.92 5.23 22.27
C THR A 334 8.84 6.73 22.56
N ASP A 335 9.74 7.23 23.40
CA ASP A 335 9.77 8.65 23.74
C ASP A 335 9.93 9.53 22.53
N GLU A 336 10.90 9.15 21.71
CA GLU A 336 11.31 9.92 20.54
C GLU A 336 10.46 9.72 19.29
N MET A 337 9.74 8.61 19.17
CA MET A 337 8.91 8.35 17.96
C MET A 337 7.41 8.32 18.20
N SER A 338 7.01 8.15 19.45
CA SER A 338 5.60 8.02 19.81
C SER A 338 4.99 6.77 19.21
N GLU A 339 5.67 5.64 19.29
CA GLU A 339 5.09 4.39 18.83
C GLU A 339 5.17 3.39 19.96
N ILE A 340 4.23 2.44 19.95
CA ILE A 340 4.23 1.40 20.95
C ILE A 340 5.32 0.40 20.53
N THR A 341 6.06 -0.16 21.50
CA THR A 341 7.15 -1.09 21.22
C THR A 341 6.74 -2.53 21.56
N GLY A 342 7.65 -3.49 21.35
CA GLY A 342 7.39 -4.91 21.64
C GLY A 342 7.71 -5.35 23.05
N ARG A 343 8.01 -4.39 23.92
CA ARG A 343 8.33 -4.67 25.32
C ARG A 343 7.19 -4.18 26.19
N VAL A 344 6.86 -4.99 27.19
CA VAL A 344 5.82 -4.62 28.11
C VAL A 344 6.39 -3.77 29.23
N ASP A 345 7.72 -3.69 29.32
CA ASP A 345 8.35 -2.90 30.38
C ASP A 345 8.76 -1.50 29.92
N VAL A 346 8.33 -1.13 28.73
CA VAL A 346 8.58 0.20 28.21
C VAL A 346 7.31 0.97 28.46
N LYS A 347 7.42 2.23 28.83
CA LYS A 347 6.26 3.04 29.21
C LYS A 347 6.30 4.44 28.58
N SER A 348 5.25 4.75 27.84
CA SER A 348 5.11 6.05 27.26
C SER A 348 4.63 6.98 28.32
N SER A 349 5.11 8.21 28.26
N SER A 349 5.10 8.22 28.26
CA SER A 349 4.69 9.21 29.22
CA SER A 349 4.68 9.24 29.20
C SER A 349 3.35 9.82 28.77
C SER A 349 3.33 9.79 28.78
N ASN A 350 2.94 9.52 27.53
CA ASN A 350 1.66 9.98 26.97
C ASN A 350 0.53 9.04 27.38
N PRO A 351 -0.38 9.51 28.25
CA PRO A 351 -1.48 8.66 28.73
C PRO A 351 -2.35 8.07 27.64
N ASN A 352 -2.47 8.74 26.51
CA ASN A 352 -3.23 8.20 25.43
C ASN A 352 -2.50 6.99 24.83
N LEU A 353 -1.18 7.07 24.67
CA LEU A 353 -0.42 5.92 24.16
C LEU A 353 -0.32 4.78 25.17
N LYS A 354 -0.46 5.08 26.45
CA LYS A 354 -0.45 4.04 27.48
C LYS A 354 -1.62 3.10 27.26
N VAL A 355 -2.75 3.63 26.78
CA VAL A 355 -3.90 2.80 26.48
C VAL A 355 -3.53 1.81 25.35
N PHE A 356 -2.81 2.27 24.34
CA PHE A 356 -2.40 1.37 23.26
C PHE A 356 -1.39 0.32 23.76
N GLU A 357 -0.58 0.67 24.76
CA GLU A 357 0.34 -0.30 25.32
C GLU A 357 -0.43 -1.44 25.88
N LYS A 358 -1.49 -1.13 26.62
CA LYS A 358 -2.32 -2.16 27.20
C LYS A 358 -3.01 -2.95 26.10
N GLN A 359 -3.53 -2.27 25.09
CA GLN A 359 -4.25 -2.97 24.02
C GLN A 359 -3.36 -3.96 23.33
N ALA A 360 -2.08 -3.60 23.21
CA ALA A 360 -1.10 -4.45 22.56
C ALA A 360 -0.84 -5.72 23.33
N ARG A 361 -1.23 -5.78 24.61
CA ARG A 361 -1.04 -6.99 25.44
C ARG A 361 -2.25 -7.91 25.43
N HIS A 362 -3.34 -7.45 24.81
N HIS A 362 -3.36 -7.45 24.84
CA HIS A 362 -4.55 -8.22 24.72
CA HIS A 362 -4.56 -8.28 24.70
C HIS A 362 -5.02 -8.15 23.25
C HIS A 362 -5.03 -8.16 23.25
N ALA A 363 -4.18 -8.66 22.35
CA ALA A 363 -4.46 -8.62 20.89
C ALA A 363 -4.02 -9.93 20.20
N GLU A 364 -4.61 -10.18 19.04
CA GLU A 364 -4.36 -11.39 18.26
C GLU A 364 -3.52 -11.06 17.05
N PRO A 365 -2.35 -11.71 16.92
CA PRO A 365 -1.52 -11.40 15.78
C PRO A 365 -2.14 -11.78 14.45
N MET A 366 -1.94 -10.96 13.44
CA MET A 366 -2.38 -11.29 12.11
C MET A 366 -1.53 -12.54 11.75
N PRO A 367 -2.20 -13.62 11.35
CA PRO A 367 -1.49 -14.85 11.04
C PRO A 367 -0.26 -14.58 10.21
N ASN A 368 0.89 -15.10 10.65
CA ASN A 368 2.17 -14.79 10.02
C ASN A 368 2.58 -15.73 8.90
N ILE A 369 1.60 -16.26 8.19
CA ILE A 369 1.88 -17.25 7.17
C ILE A 369 1.53 -16.74 5.77
N PRO A 370 2.27 -17.23 4.76
CA PRO A 370 2.05 -16.80 3.38
C PRO A 370 0.58 -16.84 2.97
N GLU A 371 -0.11 -17.91 3.34
CA GLU A 371 -1.50 -18.09 2.98
C GLU A 371 -2.42 -16.94 3.45
N MET A 372 -2.08 -16.29 4.56
CA MET A 372 -2.91 -15.18 5.07
C MET A 372 -3.15 -14.09 4.03
N ARG A 373 -2.20 -13.88 3.11
CA ARG A 373 -2.31 -12.91 2.01
C ARG A 373 -3.55 -13.16 1.18
N GLN A 374 -4.02 -14.39 1.19
CA GLN A 374 -5.20 -14.76 0.42
C GLN A 374 -6.53 -14.48 1.11
N VAL A 375 -6.49 -14.13 2.40
CA VAL A 375 -7.71 -13.88 3.17
C VAL A 375 -8.24 -12.44 3.09
N TRP A 376 -7.32 -11.48 3.00
CA TRP A 376 -7.70 -10.08 3.06
C TRP A 376 -8.73 -9.61 2.05
N GLU A 377 -8.49 -9.87 0.76
CA GLU A 377 -9.40 -9.38 -0.28
C GLU A 377 -10.80 -10.04 -0.25
N PRO A 378 -10.85 -11.36 -0.06
CA PRO A 378 -12.17 -11.98 0.01
C PRO A 378 -12.97 -11.58 1.22
N MET A 379 -12.35 -11.46 2.38
CA MET A 379 -13.10 -11.02 3.58
C MET A 379 -13.52 -9.55 3.44
N GLY A 380 -12.65 -8.77 2.80
CA GLY A 380 -12.93 -7.38 2.53
C GLY A 380 -14.16 -7.33 1.67
N ASN A 381 -14.15 -8.09 0.57
CA ASN A 381 -15.29 -8.15 -0.31
C ASN A 381 -16.53 -8.57 0.47
N ALA A 382 -16.38 -9.59 1.32
CA ALA A 382 -17.49 -10.07 2.12
C ALA A 382 -18.08 -8.90 2.91
N SER A 383 -17.20 -8.17 3.58
CA SER A 383 -17.60 -7.02 4.40
C SER A 383 -18.35 -5.97 3.60
N ILE A 384 -17.85 -5.67 2.39
CA ILE A 384 -18.51 -4.69 1.52
C ILE A 384 -19.91 -5.18 1.23
N PHE A 385 -20.02 -6.46 0.86
CA PHE A 385 -21.33 -7.06 0.54
C PHE A 385 -22.29 -7.00 1.72
N ILE A 386 -21.78 -7.27 2.93
CA ILE A 386 -22.63 -7.19 4.12
C ILE A 386 -23.13 -5.78 4.29
N SER A 387 -22.22 -4.83 4.13
CA SER A 387 -22.60 -3.42 4.22
C SER A 387 -23.73 -3.11 3.25
N ASN A 388 -23.76 -3.82 2.11
CA ASN A 388 -24.77 -3.58 1.06
C ASN A 388 -26.06 -4.43 1.21
N GLY A 389 -26.21 -5.10 2.34
CA GLY A 389 -27.41 -5.89 2.61
C GLY A 389 -27.41 -7.35 2.18
N LYS A 390 -26.29 -7.88 1.72
CA LYS A 390 -26.23 -9.29 1.32
C LYS A 390 -26.32 -10.16 2.56
N ASN A 391 -26.97 -11.32 2.42
CA ASN A 391 -27.10 -12.28 3.51
C ASN A 391 -25.70 -12.60 4.03
N PRO A 392 -25.44 -12.30 5.31
CA PRO A 392 -24.08 -12.48 5.83
C PRO A 392 -23.53 -13.90 5.75
N LYS A 393 -24.35 -14.91 5.99
CA LYS A 393 -23.87 -16.29 5.91
C LYS A 393 -23.40 -16.60 4.51
N GLN A 394 -24.16 -16.18 3.51
CA GLN A 394 -23.77 -16.39 2.15
C GLN A 394 -22.44 -15.69 1.88
N ALA A 395 -22.30 -14.45 2.36
CA ALA A 395 -21.09 -13.68 2.14
C ALA A 395 -19.86 -14.38 2.72
N LEU A 396 -19.97 -14.86 3.94
CA LEU A 396 -18.87 -15.53 4.59
C LEU A 396 -18.62 -16.90 3.96
N ASP A 397 -19.68 -17.54 3.47
CA ASP A 397 -19.50 -18.80 2.78
C ASP A 397 -18.72 -18.58 1.48
N GLU A 398 -19.16 -17.61 0.68
CA GLU A 398 -18.48 -17.23 -0.57
C GLU A 398 -16.99 -16.94 -0.30
N ALA A 399 -16.72 -16.13 0.72
CA ALA A 399 -15.37 -15.77 1.03
C ALA A 399 -14.56 -17.01 1.39
N THR A 400 -15.17 -17.89 2.16
CA THR A 400 -14.49 -19.10 2.57
C THR A 400 -14.15 -19.98 1.36
N ASN A 401 -15.13 -20.25 0.50
N ASN A 401 -15.11 -20.24 0.48
CA ASN A 401 -14.86 -21.06 -0.69
CA ASN A 401 -14.82 -21.05 -0.70
C ASN A 401 -13.74 -20.43 -1.54
C ASN A 401 -13.73 -20.42 -1.55
N ASP A 402 -13.81 -19.11 -1.74
CA ASP A 402 -12.85 -18.37 -2.56
C ASP A 402 -11.42 -18.43 -2.02
N ILE A 403 -11.29 -18.27 -0.71
CA ILE A 403 -10.00 -18.37 -0.04
C ILE A 403 -9.44 -19.78 -0.19
N THR A 404 -10.28 -20.79 0.04
CA THR A 404 -9.88 -22.19 -0.13
C THR A 404 -9.35 -22.42 -1.53
N GLN A 405 -10.11 -21.95 -2.51
CA GLN A 405 -9.80 -22.12 -3.92
C GLN A 405 -8.52 -21.38 -4.32
N ASN A 406 -8.38 -20.14 -3.85
CA ASN A 406 -7.21 -19.33 -4.13
C ASN A 406 -5.91 -19.85 -3.46
N ILE A 407 -6.01 -20.37 -2.25
CA ILE A 407 -4.85 -20.95 -1.59
C ILE A 407 -4.39 -22.17 -2.40
N LYS A 408 -5.32 -23.00 -2.88
CA LYS A 408 -4.96 -24.17 -3.70
C LYS A 408 -4.23 -23.77 -4.98
N ILE A 409 -4.55 -22.60 -5.52
CA ILE A 409 -3.91 -22.15 -6.73
C ILE A 409 -2.49 -21.63 -6.51
N LEU A 410 -2.35 -20.68 -5.60
CA LEU A 410 -1.07 -20.02 -5.35
C LEU A 410 -0.17 -20.74 -4.34
N HIS A 411 -0.74 -21.71 -3.62
CA HIS A 411 0.02 -22.50 -2.65
C HIS A 411 -0.34 -23.97 -2.88
N PRO A 412 0.20 -24.55 -3.96
CA PRO A 412 -0.06 -25.95 -4.31
C PRO A 412 0.26 -26.93 -3.18
N LYS B 37 22.77 32.87 -11.29
CA LYS B 37 23.81 32.43 -12.27
C LYS B 37 25.10 31.92 -11.61
N ASP B 38 25.53 32.50 -10.48
CA ASP B 38 26.72 31.97 -9.77
C ASP B 38 26.27 30.72 -8.98
N LYS B 39 27.08 29.67 -9.06
CA LYS B 39 26.75 28.34 -8.50
C LYS B 39 26.77 28.18 -6.99
N PRO B 40 25.97 27.22 -6.48
CA PRO B 40 26.02 26.88 -5.09
C PRO B 40 27.09 25.83 -4.95
N ASN B 41 27.68 25.68 -3.77
CA ASN B 41 28.71 24.68 -3.61
C ASN B 41 28.14 23.28 -3.53
N GLN B 42 26.84 23.16 -3.23
CA GLN B 42 26.21 21.84 -3.16
C GLN B 42 24.71 21.88 -3.45
N LEU B 43 24.20 20.79 -3.98
CA LEU B 43 22.78 20.61 -4.22
C LEU B 43 22.39 19.30 -3.55
N THR B 44 21.18 19.23 -3.01
CA THR B 44 20.70 18.03 -2.33
C THR B 44 19.50 17.44 -3.04
N MET B 45 19.54 16.13 -3.31
CA MET B 45 18.38 15.47 -3.91
C MET B 45 17.97 14.33 -3.04
N TRP B 46 16.67 14.13 -2.95
CA TRP B 46 16.05 13.07 -2.16
C TRP B 46 15.61 11.99 -3.12
N VAL B 47 16.15 10.78 -2.96
CA VAL B 47 15.94 9.66 -3.88
C VAL B 47 15.11 8.49 -3.31
N ASP B 48 14.22 7.93 -4.15
CA ASP B 48 13.35 6.82 -3.75
C ASP B 48 14.04 5.45 -3.78
N GLY B 49 14.70 5.08 -2.68
CA GLY B 49 15.31 3.76 -2.58
C GLY B 49 16.80 3.66 -2.74
N ASP B 50 17.35 2.54 -2.28
CA ASP B 50 18.78 2.27 -2.33
C ASP B 50 19.27 2.04 -3.75
N LYS B 51 18.44 1.42 -4.58
N LYS B 51 18.43 1.40 -4.57
CA LYS B 51 18.83 1.12 -5.95
CA LYS B 51 18.78 1.13 -5.96
C LYS B 51 18.96 2.41 -6.76
C LYS B 51 18.97 2.43 -6.72
N GLN B 52 17.96 3.27 -6.68
CA GLN B 52 18.01 4.53 -7.39
C GLN B 52 19.16 5.38 -6.85
N MET B 53 19.40 5.24 -5.56
CA MET B 53 20.46 5.91 -4.88
C MET B 53 21.79 5.53 -5.53
N ALA B 54 22.02 4.23 -5.69
CA ALA B 54 23.26 3.73 -6.28
C ALA B 54 23.43 4.22 -7.71
N PHE B 55 22.32 4.27 -8.43
CA PHE B 55 22.32 4.73 -9.80
C PHE B 55 22.59 6.24 -9.91
N TYR B 56 21.78 7.05 -9.23
CA TYR B 56 21.97 8.50 -9.32
C TYR B 56 23.30 8.99 -8.74
N LYS B 57 23.99 8.16 -7.96
CA LYS B 57 25.30 8.56 -7.49
C LYS B 57 26.26 8.53 -8.68
N LYS B 58 26.17 7.50 -9.51
CA LYS B 58 27.03 7.46 -10.70
C LYS B 58 26.80 8.68 -11.60
N ILE B 59 25.54 8.99 -11.87
CA ILE B 59 25.17 10.12 -12.72
C ILE B 59 25.61 11.47 -12.13
N THR B 60 25.26 11.70 -10.87
CA THR B 60 25.57 12.98 -10.24
C THR B 60 27.08 13.19 -10.08
N ASP B 61 27.82 12.11 -9.84
CA ASP B 61 29.26 12.19 -9.80
C ASP B 61 29.74 12.81 -11.09
N GLN B 62 29.19 12.36 -12.20
CA GLN B 62 29.57 12.93 -13.49
C GLN B 62 29.11 14.39 -13.60
N TYR B 63 27.94 14.68 -13.02
CA TYR B 63 27.42 16.04 -13.02
C TYR B 63 28.31 16.98 -12.24
N THR B 64 28.89 16.47 -11.16
CA THR B 64 29.81 17.26 -10.37
C THR B 64 31.12 17.50 -11.13
N LYS B 65 31.56 16.53 -11.91
CA LYS B 65 32.77 16.67 -12.70
C LYS B 65 32.59 17.71 -13.81
N LYS B 66 31.37 17.82 -14.32
CA LYS B 66 31.06 18.82 -15.34
C LYS B 66 30.96 20.23 -14.74
N THR B 67 29.99 20.43 -13.85
CA THR B 67 29.71 21.74 -13.27
C THR B 67 30.56 22.09 -12.06
N GLY B 68 30.95 21.08 -11.29
CA GLY B 68 31.73 21.31 -10.09
C GLY B 68 30.83 21.35 -8.86
N ILE B 69 29.52 21.43 -9.09
CA ILE B 69 28.57 21.48 -8.00
C ILE B 69 28.44 20.10 -7.41
N LYS B 70 28.72 19.97 -6.11
CA LYS B 70 28.59 18.67 -5.44
C LYS B 70 27.11 18.35 -5.23
N VAL B 71 26.80 17.06 -5.20
CA VAL B 71 25.43 16.62 -5.01
C VAL B 71 25.31 15.64 -3.85
N LYS B 72 24.47 15.99 -2.88
CA LYS B 72 24.20 15.13 -1.73
C LYS B 72 22.95 14.37 -2.08
N LEU B 73 22.97 13.05 -1.86
CA LEU B 73 21.83 12.18 -2.11
C LEU B 73 21.34 11.63 -0.78
N VAL B 74 20.03 11.67 -0.55
CA VAL B 74 19.48 11.16 0.68
C VAL B 74 18.39 10.16 0.33
N ASN B 75 18.45 8.98 0.94
CA ASN B 75 17.49 7.92 0.64
C ASN B 75 16.21 8.05 1.44
N ILE B 76 15.16 8.52 0.77
CA ILE B 76 13.87 8.70 1.40
C ILE B 76 12.78 8.19 0.45
N GLY B 77 12.09 7.13 0.89
CA GLY B 77 10.99 6.53 0.13
C GLY B 77 10.06 7.60 -0.38
N GLN B 78 9.51 7.40 -1.58
CA GLN B 78 8.62 8.41 -2.17
C GLN B 78 7.31 8.63 -1.39
N ASN B 79 6.86 7.61 -0.65
CA ASN B 79 5.63 7.73 0.13
C ASN B 79 5.83 8.54 1.38
N ASP B 80 7.10 8.77 1.73
CA ASP B 80 7.44 9.54 2.92
C ASP B 80 7.99 10.93 2.59
N GLN B 81 8.27 11.18 1.31
CA GLN B 81 8.86 12.46 0.92
C GLN B 81 8.00 13.70 1.19
N LEU B 82 6.72 13.71 0.86
CA LEU B 82 5.89 14.90 1.16
C LEU B 82 5.87 15.28 2.62
N GLU B 83 5.52 14.33 3.48
CA GLU B 83 5.46 14.61 4.89
C GLU B 83 6.80 15.14 5.37
N ASN B 84 7.88 14.42 5.07
CA ASN B 84 9.21 14.83 5.53
C ASN B 84 9.64 16.20 5.08
N ILE B 85 9.37 16.50 3.81
CA ILE B 85 9.78 17.77 3.22
C ILE B 85 8.96 18.90 3.82
N SER B 86 7.69 18.59 4.10
CA SER B 86 6.79 19.53 4.74
C SER B 86 7.36 20.09 6.03
N LEU B 87 8.13 19.27 6.73
CA LEU B 87 8.74 19.67 7.98
C LEU B 87 10.16 20.17 7.81
N ASP B 88 10.98 19.44 7.06
CA ASP B 88 12.40 19.78 6.87
C ASP B 88 12.72 21.02 6.00
N ALA B 89 11.93 21.25 4.95
CA ALA B 89 12.18 22.40 4.06
C ALA B 89 12.20 23.73 4.82
N PRO B 90 11.15 24.03 5.63
CA PRO B 90 11.09 25.25 6.43
C PRO B 90 12.23 25.42 7.43
N ALA B 91 12.83 24.32 7.86
CA ALA B 91 13.95 24.38 8.80
C ALA B 91 15.28 24.58 8.07
N GLY B 92 15.22 24.76 6.75
CA GLY B 92 16.42 24.97 5.93
C GLY B 92 17.22 23.72 5.63
N LYS B 93 16.64 22.54 5.85
CA LYS B 93 17.38 21.31 5.63
C LYS B 93 16.71 20.32 4.71
N GLY B 94 15.79 20.83 3.89
CA GLY B 94 15.12 20.01 2.90
C GLY B 94 15.99 19.94 1.66
N PRO B 95 15.54 19.20 0.66
CA PRO B 95 16.32 19.04 -0.54
C PRO B 95 16.12 20.20 -1.48
N ASP B 96 16.87 20.17 -2.57
CA ASP B 96 16.71 21.14 -3.62
C ASP B 96 15.72 20.54 -4.63
N ILE B 97 15.81 19.24 -4.89
CA ILE B 97 14.83 18.57 -5.73
C ILE B 97 14.44 17.27 -5.03
N PHE B 98 13.20 16.81 -5.26
CA PHE B 98 12.69 15.63 -4.58
C PHE B 98 11.80 14.76 -5.50
N PHE B 99 11.44 13.58 -5.04
CA PHE B 99 10.77 12.61 -5.90
C PHE B 99 9.43 12.20 -5.38
N LEU B 100 8.43 12.17 -6.26
CA LEU B 100 7.08 11.78 -5.90
C LEU B 100 6.29 11.13 -7.03
N ALA B 101 5.24 10.40 -6.65
CA ALA B 101 4.29 9.87 -7.62
C ALA B 101 3.51 11.12 -8.01
N HIS B 102 3.15 11.25 -9.27
CA HIS B 102 2.46 12.45 -9.77
C HIS B 102 1.09 12.70 -9.15
N ASP B 103 0.54 11.69 -8.49
CA ASP B 103 -0.76 11.84 -7.86
C ASP B 103 -0.74 12.95 -6.80
N ASN B 104 0.46 13.25 -6.29
CA ASN B 104 0.65 14.25 -5.24
C ASN B 104 0.96 15.65 -5.74
N THR B 105 1.01 15.83 -7.04
CA THR B 105 1.36 17.12 -7.63
C THR B 105 0.52 18.22 -7.03
N GLY B 106 -0.79 18.10 -7.11
CA GLY B 106 -1.68 19.13 -6.56
C GLY B 106 -1.44 19.44 -5.10
N SER B 107 -1.32 18.39 -4.30
N SER B 107 -1.35 18.40 -4.27
CA SER B 107 -1.12 18.56 -2.87
CA SER B 107 -1.12 18.59 -2.83
C SER B 107 0.18 19.27 -2.58
C SER B 107 0.18 19.28 -2.57
N ALA B 108 1.24 18.82 -3.24
CA ALA B 108 2.57 19.38 -3.06
C ALA B 108 2.56 20.86 -3.39
N TYR B 109 1.77 21.22 -4.38
CA TYR B 109 1.69 22.58 -4.81
C TYR B 109 0.88 23.39 -3.83
N LEU B 110 -0.32 22.92 -3.52
CA LEU B 110 -1.20 23.66 -2.62
C LEU B 110 -0.54 23.91 -1.26
N GLN B 111 0.32 23.00 -0.84
CA GLN B 111 1.00 23.11 0.46
C GLN B 111 2.12 24.12 0.41
N GLY B 112 2.49 24.56 -0.79
CA GLY B 112 3.58 25.52 -0.94
C GLY B 112 4.93 24.85 -0.86
N LEU B 113 5.00 23.57 -1.19
CA LEU B 113 6.25 22.84 -1.15
C LEU B 113 6.89 22.67 -2.53
N ALA B 114 6.06 22.54 -3.57
CA ALA B 114 6.56 22.33 -4.93
C ALA B 114 6.51 23.60 -5.75
N ALA B 115 7.65 23.96 -6.34
CA ALA B 115 7.78 25.19 -7.14
C ALA B 115 7.59 24.95 -8.63
N GLU B 116 7.11 25.98 -9.32
CA GLU B 116 6.92 25.92 -10.76
C GLU B 116 8.27 25.78 -11.44
N ILE B 117 8.33 24.93 -12.45
CA ILE B 117 9.54 24.74 -13.20
C ILE B 117 9.34 25.42 -14.55
N LYS B 118 10.21 26.39 -14.82
CA LYS B 118 10.16 27.14 -16.07
C LYS B 118 11.02 26.44 -17.12
N LEU B 119 10.38 25.94 -18.16
CA LEU B 119 11.05 25.14 -19.19
C LEU B 119 10.81 25.61 -20.63
N SER B 120 11.91 25.72 -21.38
CA SER B 120 11.82 26.11 -22.78
C SER B 120 11.42 24.91 -23.64
N LYS B 121 10.96 25.20 -24.86
CA LYS B 121 10.53 24.16 -25.78
C LYS B 121 11.58 23.10 -26.08
N ASP B 122 12.85 23.51 -26.09
N ASP B 122 12.86 23.50 -26.08
CA ASP B 122 13.95 22.57 -26.35
CA ASP B 122 13.93 22.56 -26.35
C ASP B 122 14.29 21.74 -25.10
C ASP B 122 14.26 21.73 -25.10
N GLU B 123 14.05 22.30 -23.92
CA GLU B 123 14.28 21.58 -22.66
C GLU B 123 13.20 20.50 -22.56
N LEU B 124 11.99 20.83 -23.03
CA LEU B 124 10.87 19.91 -23.03
C LEU B 124 10.99 18.85 -24.13
N LYS B 125 11.64 19.19 -25.23
CA LYS B 125 11.77 18.26 -26.34
C LYS B 125 12.25 16.87 -25.84
N GLY B 126 11.53 15.83 -26.25
CA GLY B 126 11.89 14.46 -25.89
C GLY B 126 11.06 13.82 -24.80
N PHE B 127 10.38 14.64 -24.00
CA PHE B 127 9.55 14.13 -22.94
C PHE B 127 8.17 13.68 -23.43
N ASN B 128 7.63 12.66 -22.75
CA ASN B 128 6.31 12.15 -22.99
C ASN B 128 5.33 13.27 -22.63
N LYS B 129 4.58 13.72 -23.65
N LYS B 129 4.58 13.74 -23.63
CA LYS B 129 3.58 14.78 -23.50
CA LYS B 129 3.65 14.84 -23.42
C LYS B 129 2.66 14.57 -22.30
C LYS B 129 2.63 14.59 -22.30
N GLN B 130 2.09 13.37 -22.21
CA GLN B 130 1.13 13.03 -21.14
C GLN B 130 1.82 12.96 -19.78
N ALA B 131 3.03 12.41 -19.72
CA ALA B 131 3.76 12.37 -18.45
C ALA B 131 3.95 13.82 -17.92
N LEU B 132 4.33 14.75 -18.78
CA LEU B 132 4.44 16.15 -18.38
C LEU B 132 3.09 16.69 -17.86
N LYS B 133 1.99 16.37 -18.54
CA LYS B 133 0.67 16.82 -18.10
C LYS B 133 0.29 16.25 -16.72
N ALA B 134 0.70 15.00 -16.49
CA ALA B 134 0.45 14.33 -15.22
C ALA B 134 1.07 15.15 -14.10
N MET B 135 2.15 15.86 -14.43
CA MET B 135 2.87 16.67 -13.46
C MET B 135 2.60 18.16 -13.60
N ASN B 136 1.43 18.47 -14.15
CA ASN B 136 1.02 19.84 -14.35
C ASN B 136 -0.26 20.13 -13.57
N TYR B 137 -0.26 21.17 -12.76
CA TYR B 137 -1.42 21.56 -11.96
C TYR B 137 -1.53 23.08 -11.96
N ASP B 138 -2.76 23.58 -11.96
CA ASP B 138 -3.02 25.04 -12.00
C ASP B 138 -2.24 25.72 -13.13
N ASN B 139 -2.12 25.01 -14.25
CA ASN B 139 -1.44 25.46 -15.44
C ASN B 139 0.05 25.78 -15.23
N LYS B 140 0.67 25.00 -14.34
CA LYS B 140 2.09 25.13 -14.00
C LYS B 140 2.78 23.78 -14.03
N GLN B 141 3.93 23.73 -14.69
CA GLN B 141 4.68 22.49 -14.76
C GLN B 141 5.43 22.36 -13.43
N LEU B 142 5.12 21.34 -12.66
CA LEU B 142 5.69 21.20 -11.31
C LEU B 142 6.69 20.07 -11.14
N ALA B 143 6.94 19.32 -12.21
CA ALA B 143 7.87 18.20 -12.14
C ALA B 143 8.25 17.69 -13.53
N LEU B 144 9.30 16.89 -13.57
CA LEU B 144 9.78 16.26 -14.80
C LEU B 144 9.71 14.75 -14.60
N PRO B 145 9.01 14.05 -15.48
CA PRO B 145 8.79 12.63 -15.37
C PRO B 145 10.05 11.78 -15.55
N ALA B 146 10.29 10.84 -14.63
CA ALA B 146 11.46 9.95 -14.70
C ALA B 146 11.01 8.53 -15.02
N ILE B 147 10.03 8.04 -14.28
CA ILE B 147 9.52 6.69 -14.52
C ILE B 147 8.03 6.78 -14.83
N VAL B 148 7.57 5.95 -15.76
CA VAL B 148 6.15 5.91 -16.10
C VAL B 148 5.72 4.48 -16.14
N GLU B 149 4.45 4.25 -15.87
CA GLU B 149 3.94 2.91 -15.99
C GLU B 149 2.48 2.87 -16.35
N THR B 150 2.13 1.83 -17.09
CA THR B 150 0.76 1.58 -17.52
C THR B 150 0.62 0.07 -17.65
N THR B 151 -0.57 -0.38 -17.96
CA THR B 151 -0.80 -1.79 -18.21
C THR B 151 -0.55 -2.01 -19.73
N ALA B 152 -0.81 -3.23 -20.23
CA ALA B 152 -0.64 -3.61 -21.63
C ALA B 152 -1.27 -4.99 -21.70
N LEU B 153 -1.36 -5.57 -22.89
N LEU B 153 -1.39 -5.56 -22.90
CA LEU B 153 -2.01 -6.86 -23.06
CA LEU B 153 -2.05 -6.86 -23.03
C LEU B 153 -1.02 -7.99 -23.35
C LEU B 153 -1.07 -7.99 -23.35
N PHE B 154 -0.88 -8.89 -22.39
CA PHE B 154 0.01 -10.02 -22.55
C PHE B 154 -0.84 -11.13 -23.14
N TYR B 155 -0.21 -11.98 -23.94
CA TYR B 155 -0.91 -13.14 -24.46
C TYR B 155 0.04 -14.33 -24.61
N ASN B 156 -0.52 -15.51 -24.31
CA ASN B 156 0.16 -16.78 -24.38
C ASN B 156 -0.02 -17.30 -25.77
N LYS B 157 1.02 -17.21 -26.58
CA LYS B 157 0.94 -17.65 -27.98
C LYS B 157 0.61 -19.12 -28.19
N LYS B 158 0.70 -19.96 -27.18
CA LYS B 158 0.31 -21.36 -27.35
C LYS B 158 -1.23 -21.44 -27.50
N LEU B 159 -1.93 -20.44 -26.94
CA LEU B 159 -3.38 -20.36 -27.00
C LEU B 159 -3.86 -19.29 -27.98
N VAL B 160 -3.19 -18.14 -28.02
CA VAL B 160 -3.58 -17.04 -28.89
C VAL B 160 -2.44 -16.69 -29.82
N LYS B 161 -2.47 -17.22 -31.05
CA LYS B 161 -1.40 -16.97 -32.03
C LYS B 161 -1.09 -15.52 -32.38
N ASN B 162 -2.13 -14.72 -32.57
CA ASN B 162 -1.94 -13.34 -33.02
C ASN B 162 -2.42 -12.30 -32.05
N ALA B 163 -1.62 -11.25 -31.92
CA ALA B 163 -1.94 -10.11 -31.09
C ALA B 163 -3.32 -9.58 -31.50
N PRO B 164 -4.27 -9.60 -30.56
CA PRO B 164 -5.59 -9.09 -30.87
C PRO B 164 -5.53 -7.60 -31.12
N GLN B 165 -6.18 -7.17 -32.18
CA GLN B 165 -6.15 -5.78 -32.58
C GLN B 165 -7.37 -5.02 -32.06
N THR B 166 -8.46 -5.72 -31.83
CA THR B 166 -9.68 -5.08 -31.37
C THR B 166 -10.22 -5.76 -30.14
N LEU B 167 -10.96 -4.99 -29.33
CA LEU B 167 -11.58 -5.56 -28.15
C LEU B 167 -12.49 -6.73 -28.57
N GLU B 168 -13.17 -6.54 -29.69
N GLU B 168 -13.18 -6.56 -29.70
CA GLU B 168 -14.07 -7.56 -30.21
CA GLU B 168 -14.08 -7.60 -30.19
C GLU B 168 -13.38 -8.91 -30.42
C GLU B 168 -13.35 -8.93 -30.35
N GLU B 169 -12.14 -8.90 -30.90
CA GLU B 169 -11.41 -10.17 -31.09
C GLU B 169 -10.87 -10.68 -29.77
N VAL B 170 -10.68 -9.79 -28.80
CA VAL B 170 -10.30 -10.20 -27.46
C VAL B 170 -11.45 -11.02 -26.86
N GLU B 171 -12.68 -10.56 -27.13
CA GLU B 171 -13.90 -11.26 -26.67
C GLU B 171 -14.02 -12.58 -27.44
N ALA B 172 -13.79 -12.54 -28.74
CA ALA B 172 -13.86 -13.75 -29.54
C ALA B 172 -12.91 -14.79 -28.94
N ASN B 173 -11.68 -14.38 -28.58
CA ASN B 173 -10.75 -15.31 -27.96
C ASN B 173 -11.30 -15.81 -26.63
N ALA B 174 -12.01 -14.93 -25.91
CA ALA B 174 -12.61 -15.31 -24.62
C ALA B 174 -13.60 -16.41 -24.85
N ALA B 175 -14.45 -16.23 -25.86
CA ALA B 175 -15.49 -17.20 -26.17
C ALA B 175 -14.85 -18.52 -26.50
N LYS B 176 -13.94 -18.47 -27.46
CA LYS B 176 -13.24 -19.65 -27.94
C LYS B 176 -12.42 -20.43 -26.88
N LEU B 177 -11.67 -19.71 -26.05
CA LEU B 177 -10.74 -20.36 -25.11
C LEU B 177 -11.22 -20.58 -23.68
N THR B 178 -12.26 -19.87 -23.26
CA THR B 178 -12.74 -20.05 -21.88
C THR B 178 -13.47 -21.35 -21.81
N ASP B 179 -12.94 -22.28 -20.99
CA ASP B 179 -13.51 -23.63 -20.83
C ASP B 179 -13.51 -23.97 -19.34
N SER B 180 -14.68 -23.85 -18.72
CA SER B 180 -14.86 -24.11 -17.28
C SER B 180 -14.18 -25.40 -16.80
N LYS B 181 -14.20 -26.44 -17.62
CA LYS B 181 -13.52 -27.69 -17.23
C LYS B 181 -12.02 -27.45 -17.12
N LYS B 182 -11.34 -27.33 -18.26
CA LYS B 182 -9.88 -27.11 -18.28
C LYS B 182 -9.38 -26.05 -17.27
N LYS B 183 -10.29 -25.29 -16.65
CA LYS B 183 -9.92 -24.23 -15.71
C LYS B 183 -9.14 -23.16 -16.48
N GLN B 184 -9.51 -23.04 -17.77
CA GLN B 184 -8.86 -22.15 -18.74
C GLN B 184 -9.68 -20.89 -19.05
N TYR B 185 -9.00 -19.75 -19.14
CA TYR B 185 -9.63 -18.46 -19.43
C TYR B 185 -8.98 -17.78 -20.63
N GLY B 186 -9.78 -17.34 -21.59
CA GLY B 186 -9.22 -16.67 -22.76
C GLY B 186 -8.82 -15.26 -22.44
N MET B 187 -9.53 -14.66 -21.52
CA MET B 187 -9.36 -13.25 -21.14
C MET B 187 -9.34 -13.05 -19.64
N LEU B 188 -8.31 -12.40 -19.11
CA LEU B 188 -8.32 -12.04 -17.69
C LEU B 188 -7.81 -10.66 -17.40
N PHE B 189 -8.39 -10.07 -16.38
CA PHE B 189 -7.90 -8.83 -15.80
C PHE B 189 -8.69 -8.62 -14.55
N ASP B 190 -8.10 -7.94 -13.58
CA ASP B 190 -8.74 -7.71 -12.29
C ASP B 190 -9.82 -6.64 -12.38
N ALA B 191 -10.98 -7.05 -12.86
CA ALA B 191 -12.10 -6.15 -13.04
C ALA B 191 -12.69 -5.56 -11.76
N LYS B 192 -12.32 -6.05 -10.57
CA LYS B 192 -12.84 -5.45 -9.31
C LYS B 192 -12.07 -4.16 -8.98
N ASN B 193 -10.85 -4.05 -9.47
CA ASN B 193 -10.01 -2.90 -9.23
C ASN B 193 -10.22 -1.84 -10.32
N PHE B 194 -10.58 -0.64 -9.91
CA PHE B 194 -10.80 0.45 -10.86
C PHE B 194 -9.55 0.79 -11.69
N TYR B 195 -8.38 0.62 -11.11
CA TYR B 195 -7.14 0.89 -11.84
C TYR B 195 -7.03 0.04 -13.11
N PHE B 196 -7.43 -1.23 -13.00
CA PHE B 196 -7.34 -2.17 -14.13
C PHE B 196 -8.48 -2.10 -15.11
N ASN B 197 -9.69 -1.86 -14.61
CA ASN B 197 -10.83 -1.82 -15.50
C ASN B 197 -11.08 -0.45 -16.15
N TYR B 198 -10.29 0.55 -15.78
CA TYR B 198 -10.46 1.91 -16.32
C TYR B 198 -10.61 1.95 -17.84
N PRO B 199 -9.66 1.37 -18.58
CA PRO B 199 -9.77 1.45 -20.04
C PRO B 199 -10.95 0.71 -20.67
N PHE B 200 -11.50 -0.27 -19.97
CA PHE B 200 -12.64 -1.04 -20.47
C PHE B 200 -13.94 -0.29 -20.20
N LEU B 201 -13.89 0.64 -19.24
CA LEU B 201 -15.06 1.42 -18.86
C LEU B 201 -15.05 2.83 -19.42
N PHE B 202 -13.88 3.41 -19.61
CA PHE B 202 -13.78 4.77 -20.09
C PHE B 202 -13.22 4.95 -21.48
N GLY B 203 -14.06 5.36 -22.40
CA GLY B 203 -13.67 5.63 -23.78
C GLY B 203 -13.20 7.07 -23.94
N ASN B 204 -12.92 7.41 -25.19
CA ASN B 204 -12.36 8.70 -25.58
C ASN B 204 -13.02 9.93 -24.93
N ASP B 205 -14.34 10.03 -25.05
CA ASP B 205 -15.12 11.20 -24.55
C ASP B 205 -15.62 11.09 -23.09
N ASP B 206 -15.16 10.09 -22.36
CA ASP B 206 -15.58 9.88 -21.00
C ASP B 206 -14.53 10.44 -20.09
N TYR B 207 -14.93 10.75 -18.86
CA TYR B 207 -14.01 11.34 -17.92
C TYR B 207 -14.40 11.07 -16.48
N ILE B 208 -13.39 11.14 -15.61
CA ILE B 208 -13.59 11.00 -14.18
C ILE B 208 -14.06 12.37 -13.75
N PHE B 209 -13.19 13.36 -13.94
CA PHE B 209 -13.48 14.77 -13.66
C PHE B 209 -13.43 15.55 -14.97
N LYS B 210 -14.44 16.40 -15.24
CA LYS B 210 -14.45 17.18 -16.49
C LYS B 210 -13.17 17.99 -16.56
N LYS B 211 -12.52 17.94 -17.72
CA LYS B 211 -11.20 18.52 -17.87
C LYS B 211 -11.11 19.72 -18.81
N ASN B 212 -11.06 20.91 -18.25
CA ASN B 212 -10.92 22.14 -19.05
C ASN B 212 -9.42 22.41 -19.34
N GLY B 213 -8.81 21.55 -20.16
CA GLY B 213 -7.39 21.68 -20.55
C GLY B 213 -6.43 20.72 -19.84
N SER B 214 -5.73 21.27 -18.85
CA SER B 214 -4.80 20.50 -18.00
C SER B 214 -5.34 20.43 -16.57
N GLU B 215 -6.49 21.08 -16.36
CA GLU B 215 -7.13 21.17 -15.06
C GLU B 215 -8.43 20.32 -14.97
N TYR B 216 -8.87 20.06 -13.74
CA TYR B 216 -10.04 19.23 -13.52
C TYR B 216 -11.06 19.95 -12.66
N ASP B 217 -12.34 19.82 -13.02
CA ASP B 217 -13.44 20.44 -12.28
C ASP B 217 -13.95 19.40 -11.32
N ILE B 218 -13.68 19.61 -10.02
CA ILE B 218 -14.01 18.60 -9.00
C ILE B 218 -15.51 18.45 -8.77
N HIS B 219 -16.31 19.30 -9.41
CA HIS B 219 -17.77 19.18 -9.25
C HIS B 219 -18.50 18.58 -10.42
N GLN B 220 -17.76 18.14 -11.44
CA GLN B 220 -18.43 17.46 -12.54
C GLN B 220 -17.80 16.10 -12.79
N LEU B 221 -18.49 15.08 -12.29
CA LEU B 221 -18.07 13.71 -12.40
C LEU B 221 -18.75 13.06 -13.60
N GLY B 222 -18.01 12.20 -14.30
CA GLY B 222 -18.55 11.53 -15.47
C GLY B 222 -18.48 10.03 -15.33
N LEU B 223 -18.40 9.57 -14.08
CA LEU B 223 -18.28 8.14 -13.76
C LEU B 223 -19.61 7.41 -14.00
N ASN B 224 -20.69 8.18 -14.08
CA ASN B 224 -22.02 7.64 -14.32
C ASN B 224 -22.65 8.04 -15.65
N SER B 225 -21.84 8.41 -16.64
N SER B 225 -21.83 8.38 -16.64
CA SER B 225 -22.37 8.80 -17.94
CA SER B 225 -22.33 8.76 -17.96
C SER B 225 -22.94 7.57 -18.64
C SER B 225 -22.97 7.55 -18.63
N LYS B 226 -23.89 7.80 -19.55
CA LYS B 226 -24.55 6.72 -20.28
C LYS B 226 -23.54 5.75 -20.88
N HIS B 227 -22.44 6.28 -21.42
CA HIS B 227 -21.43 5.46 -22.06
C HIS B 227 -20.64 4.63 -21.06
N VAL B 228 -20.34 5.17 -19.88
CA VAL B 228 -19.62 4.39 -18.87
C VAL B 228 -20.54 3.30 -18.35
N VAL B 229 -21.81 3.62 -18.14
CA VAL B 229 -22.77 2.62 -17.69
C VAL B 229 -22.87 1.51 -18.74
N LYS B 230 -22.93 1.90 -20.00
CA LYS B 230 -23.05 0.95 -21.10
C LYS B 230 -21.84 0.03 -21.10
N ASN B 231 -20.64 0.61 -20.96
CA ASN B 231 -19.42 -0.19 -20.85
C ASN B 231 -19.41 -1.06 -19.59
N ALA B 232 -20.00 -0.56 -18.50
CA ALA B 232 -20.07 -1.29 -17.25
C ALA B 232 -20.99 -2.51 -17.44
N GLU B 233 -22.06 -2.33 -18.19
CA GLU B 233 -22.97 -3.45 -18.47
C GLU B 233 -22.27 -4.48 -19.34
N ARG B 234 -21.38 -4.03 -20.23
CA ARG B 234 -20.61 -4.96 -21.02
C ARG B 234 -19.72 -5.74 -20.07
N LEU B 235 -19.12 -5.06 -19.09
CA LEU B 235 -18.25 -5.71 -18.12
C LEU B 235 -18.99 -6.80 -17.34
N GLN B 236 -20.23 -6.51 -16.98
CA GLN B 236 -21.05 -7.47 -16.24
C GLN B 236 -21.42 -8.67 -17.09
N LYS B 237 -21.59 -8.44 -18.39
CA LYS B 237 -21.90 -9.51 -19.31
C LYS B 237 -20.73 -10.48 -19.41
N TRP B 238 -19.51 -9.98 -19.25
CA TRP B 238 -18.36 -10.85 -19.27
C TRP B 238 -18.35 -11.75 -18.04
N TYR B 239 -18.87 -11.25 -16.92
CA TYR B 239 -18.98 -12.06 -15.68
C TYR B 239 -20.03 -13.12 -15.85
N ASP B 240 -21.15 -12.73 -16.45
CA ASP B 240 -22.26 -13.66 -16.66
C ASP B 240 -21.90 -14.78 -17.63
N LYS B 241 -21.15 -14.46 -18.69
CA LYS B 241 -20.73 -15.47 -19.68
C LYS B 241 -19.59 -16.35 -19.17
N GLY B 242 -19.03 -16.02 -18.00
CA GLY B 242 -17.96 -16.82 -17.41
C GLY B 242 -16.55 -16.49 -17.85
N TYR B 243 -16.36 -15.35 -18.50
CA TYR B 243 -15.03 -14.96 -18.98
C TYR B 243 -14.15 -14.48 -17.85
N LEU B 244 -14.76 -13.83 -16.86
CA LEU B 244 -14.02 -13.32 -15.71
C LEU B 244 -14.53 -14.01 -14.48
N PRO B 245 -13.62 -14.64 -13.74
CA PRO B 245 -14.00 -15.34 -12.51
C PRO B 245 -14.14 -14.39 -11.33
N LYS B 246 -15.17 -14.56 -10.54
CA LYS B 246 -15.40 -13.69 -9.39
C LYS B 246 -14.40 -13.89 -8.24
N ALA B 247 -13.99 -15.13 -8.01
CA ALA B 247 -13.09 -15.45 -6.89
C ALA B 247 -11.62 -14.99 -7.03
N ALA B 248 -11.15 -14.89 -8.27
CA ALA B 248 -9.76 -14.55 -8.53
C ALA B 248 -9.39 -13.13 -8.12
N THR B 249 -8.23 -13.02 -7.47
CA THR B 249 -7.65 -11.74 -7.16
C THR B 249 -6.59 -11.63 -8.23
N HIS B 250 -5.94 -10.48 -8.29
CA HIS B 250 -4.90 -10.24 -9.27
C HIS B 250 -3.78 -11.25 -9.09
N ASP B 251 -3.42 -11.53 -7.86
CA ASP B 251 -2.35 -12.52 -7.64
C ASP B 251 -2.71 -13.86 -8.25
N VAL B 252 -3.98 -14.26 -8.11
CA VAL B 252 -4.41 -15.54 -8.67
C VAL B 252 -4.24 -15.55 -10.19
N MET B 253 -4.64 -14.43 -10.81
CA MET B 253 -4.54 -14.27 -12.24
C MET B 253 -3.12 -14.41 -12.70
N ILE B 254 -2.20 -13.73 -12.03
CA ILE B 254 -0.78 -13.87 -12.38
C ILE B 254 -0.41 -15.36 -12.38
N GLY B 255 -0.83 -16.06 -11.35
CA GLY B 255 -0.53 -17.47 -11.21
C GLY B 255 -1.09 -18.32 -12.31
N LEU B 256 -2.34 -18.07 -12.68
CA LEU B 256 -3.00 -18.84 -13.71
C LEU B 256 -2.41 -18.53 -15.06
N PHE B 257 -1.93 -17.31 -15.24
CA PHE B 257 -1.29 -16.97 -16.48
C PHE B 257 0.01 -17.76 -16.61
N LYS B 258 0.75 -17.89 -15.51
CA LYS B 258 2.01 -18.64 -15.52
C LYS B 258 1.80 -20.15 -15.69
N GLU B 259 0.64 -20.65 -15.30
CA GLU B 259 0.34 -22.06 -15.48
C GLU B 259 0.00 -22.39 -16.94
N GLY B 260 -0.20 -21.38 -17.78
CA GLY B 260 -0.49 -21.65 -19.18
C GLY B 260 -1.97 -21.86 -19.43
N LYS B 261 -2.80 -21.28 -18.55
CA LYS B 261 -4.24 -21.45 -18.59
C LYS B 261 -5.00 -20.21 -19.02
N VAL B 262 -4.28 -19.15 -19.34
CA VAL B 262 -4.91 -17.89 -19.67
C VAL B 262 -4.37 -17.37 -20.99
N GLY B 263 -5.29 -17.10 -21.91
CA GLY B 263 -4.92 -16.65 -23.23
C GLY B 263 -4.44 -15.23 -23.33
N GLN B 264 -5.19 -14.33 -22.68
CA GLN B 264 -4.93 -12.89 -22.74
C GLN B 264 -5.01 -12.32 -21.35
N PHE B 265 -4.01 -11.53 -20.97
CA PHE B 265 -3.98 -10.99 -19.63
C PHE B 265 -3.52 -9.56 -19.60
N VAL B 266 -4.40 -8.67 -19.16
CA VAL B 266 -4.05 -7.26 -19.03
C VAL B 266 -3.57 -7.00 -17.60
N THR B 267 -2.38 -6.43 -17.49
CA THR B 267 -1.72 -6.18 -16.24
C THR B 267 -0.48 -5.32 -16.49
N GLY B 268 0.18 -4.89 -15.43
CA GLY B 268 1.37 -4.07 -15.57
C GLY B 268 2.60 -4.85 -16.01
N PRO B 269 3.75 -4.16 -16.07
CA PRO B 269 5.06 -4.70 -16.43
C PRO B 269 5.83 -5.39 -15.29
N TRP B 270 5.22 -5.44 -14.11
CA TRP B 270 5.91 -5.92 -12.90
C TRP B 270 6.46 -7.33 -12.93
N ASN B 271 5.80 -8.22 -13.65
CA ASN B 271 6.18 -9.62 -13.70
C ASN B 271 6.74 -10.05 -15.07
N ILE B 272 7.23 -9.10 -15.83
CA ILE B 272 7.66 -9.42 -17.16
C ILE B 272 8.81 -10.41 -17.17
N ASN B 273 9.76 -10.27 -16.24
CA ASN B 273 10.90 -11.19 -16.22
C ASN B 273 10.47 -12.63 -16.01
N GLU B 274 9.52 -12.86 -15.12
CA GLU B 274 9.06 -14.22 -14.81
C GLU B 274 8.17 -14.78 -15.93
N TYR B 275 7.47 -13.92 -16.66
CA TYR B 275 6.69 -14.39 -17.80
C TYR B 275 7.65 -14.80 -18.95
N GLN B 276 8.71 -14.03 -19.13
CA GLN B 276 9.72 -14.34 -20.13
C GLN B 276 10.41 -15.65 -19.78
N GLU B 277 10.71 -15.83 -18.50
CA GLU B 277 11.37 -17.05 -18.04
C GLU B 277 10.44 -18.24 -18.31
N THR B 278 9.14 -18.06 -18.12
CA THR B 278 8.19 -19.15 -18.28
C THR B 278 7.84 -19.45 -19.72
N PHE B 279 7.61 -18.42 -20.51
CA PHE B 279 7.15 -18.63 -21.87
C PHE B 279 8.15 -18.51 -22.99
N GLY B 280 9.19 -17.72 -22.80
CA GLY B 280 10.22 -17.50 -23.83
C GLY B 280 9.56 -16.88 -25.04
N LYS B 281 9.88 -17.38 -26.22
CA LYS B 281 9.25 -16.89 -27.46
C LYS B 281 7.69 -16.93 -27.46
N ASP B 282 7.06 -17.76 -26.64
CA ASP B 282 5.60 -17.85 -26.64
C ASP B 282 4.92 -16.72 -25.87
N LEU B 283 5.70 -15.75 -25.41
CA LEU B 283 5.15 -14.62 -24.66
C LEU B 283 4.93 -13.49 -25.60
N GLY B 284 3.66 -13.13 -25.75
CA GLY B 284 3.27 -12.03 -26.60
C GLY B 284 2.86 -10.83 -25.77
N VAL B 285 3.21 -9.65 -26.26
CA VAL B 285 2.79 -8.43 -25.60
C VAL B 285 2.36 -7.45 -26.66
N THR B 286 1.19 -6.84 -26.45
CA THR B 286 0.68 -5.84 -27.36
C THR B 286 -0.03 -4.75 -26.57
N THR B 287 -0.12 -3.57 -27.17
CA THR B 287 -0.85 -2.45 -26.58
C THR B 287 -2.32 -2.83 -26.52
N LEU B 288 -3.09 -2.11 -25.71
CA LEU B 288 -4.50 -2.38 -25.60
C LEU B 288 -5.18 -2.12 -26.97
N PRO B 289 -6.11 -2.99 -27.35
CA PRO B 289 -6.81 -2.95 -28.63
C PRO B 289 -7.76 -1.77 -28.76
N THR B 290 -8.28 -1.58 -29.96
CA THR B 290 -9.23 -0.53 -30.22
C THR B 290 -10.59 -0.94 -29.65
N ASP B 291 -11.33 0.03 -29.19
CA ASP B 291 -12.67 -0.21 -28.74
C ASP B 291 -13.48 0.89 -29.39
N GLY B 292 -14.31 0.51 -30.35
CA GLY B 292 -15.05 1.49 -31.09
C GLY B 292 -14.14 2.35 -31.96
N GLY B 293 -13.15 1.74 -32.60
CA GLY B 293 -12.28 2.47 -33.51
C GLY B 293 -10.99 3.10 -32.97
N LYS B 294 -10.98 3.49 -31.70
CA LYS B 294 -9.83 4.16 -31.09
C LYS B 294 -9.22 3.27 -30.04
N PRO B 295 -7.89 3.28 -29.94
CA PRO B 295 -7.24 2.41 -28.99
C PRO B 295 -7.60 2.76 -27.56
N MET B 296 -7.67 1.74 -26.72
CA MET B 296 -8.02 1.94 -25.34
C MET B 296 -6.88 2.61 -24.62
N LYS B 297 -7.21 3.51 -23.70
CA LYS B 297 -6.24 4.23 -22.91
C LYS B 297 -6.28 3.81 -21.45
N PRO B 298 -5.25 3.09 -21.01
CA PRO B 298 -5.20 2.76 -19.60
C PRO B 298 -4.71 3.97 -18.80
N PHE B 299 -4.75 3.86 -17.48
CA PHE B 299 -4.21 4.89 -16.63
C PHE B 299 -2.70 4.98 -16.83
N LEU B 300 -2.17 6.21 -16.69
CA LEU B 300 -0.73 6.45 -16.74
C LEU B 300 -0.25 6.86 -15.36
N GLY B 301 0.73 6.14 -14.83
CA GLY B 301 1.33 6.47 -13.54
C GLY B 301 2.67 7.11 -13.84
N VAL B 302 2.98 8.20 -13.15
CA VAL B 302 4.27 8.90 -13.35
C VAL B 302 4.95 9.20 -12.03
N ARG B 303 6.26 9.12 -12.03
CA ARG B 303 7.05 9.43 -10.83
C ARG B 303 8.18 10.31 -11.27
N GLY B 304 8.52 11.33 -10.49
CA GLY B 304 9.55 12.21 -10.98
C GLY B 304 10.05 13.28 -10.04
N TRP B 305 10.82 14.21 -10.62
CA TRP B 305 11.49 15.24 -9.85
C TRP B 305 10.73 16.55 -9.74
N TYR B 306 10.54 16.97 -8.49
CA TYR B 306 9.88 18.22 -8.16
C TYR B 306 10.93 19.17 -7.63
N LEU B 307 10.67 20.47 -7.76
CA LEU B 307 11.58 21.51 -7.28
C LEU B 307 11.05 22.14 -5.99
N SER B 308 11.88 22.13 -4.95
CA SER B 308 11.49 22.68 -3.67
C SER B 308 11.40 24.20 -3.71
N GLU B 309 10.28 24.72 -3.19
CA GLU B 309 10.07 26.17 -3.06
C GLU B 309 11.04 26.78 -2.09
N TYR B 310 11.59 25.95 -1.23
CA TYR B 310 12.54 26.37 -0.24
C TYR B 310 14.00 26.22 -0.72
N SER B 311 14.19 25.93 -2.00
CA SER B 311 15.55 25.82 -2.53
C SER B 311 16.11 27.23 -2.71
N LYS B 312 17.31 27.47 -2.20
CA LYS B 312 17.94 28.77 -2.38
C LYS B 312 18.60 28.84 -3.74
N HIS B 313 18.60 27.74 -4.50
CA HIS B 313 19.30 27.70 -5.81
C HIS B 313 18.44 27.05 -6.91
N LYS B 314 17.28 27.65 -7.16
CA LYS B 314 16.36 27.10 -8.14
C LYS B 314 16.92 26.99 -9.57
N TYR B 315 17.79 27.90 -9.97
CA TYR B 315 18.35 27.81 -11.32
C TYR B 315 19.18 26.53 -11.51
N TRP B 316 20.16 26.32 -10.64
CA TRP B 316 21.02 25.15 -10.73
C TRP B 316 20.35 23.87 -10.31
N ALA B 317 19.28 23.98 -9.54
CA ALA B 317 18.52 22.79 -9.15
C ALA B 317 17.82 22.32 -10.42
N LYS B 318 17.31 23.27 -11.20
CA LYS B 318 16.65 22.97 -12.45
C LYS B 318 17.67 22.28 -13.36
N ASP B 319 18.83 22.91 -13.48
CA ASP B 319 19.92 22.38 -14.29
C ASP B 319 20.22 20.92 -13.89
N LEU B 320 20.23 20.64 -12.58
CA LEU B 320 20.45 19.28 -12.14
C LEU B 320 19.29 18.33 -12.55
N MET B 321 18.05 18.81 -12.43
N MET B 321 18.06 18.82 -12.43
CA MET B 321 16.88 18.01 -12.83
CA MET B 321 16.91 18.01 -12.81
C MET B 321 16.93 17.66 -14.31
C MET B 321 16.93 17.66 -14.31
N LEU B 322 17.42 18.59 -15.13
CA LEU B 322 17.51 18.36 -16.58
C LEU B 322 18.64 17.41 -16.92
N TYR B 323 19.70 17.43 -16.13
CA TYR B 323 20.82 16.55 -16.36
C TYR B 323 20.47 15.11 -16.00
N ILE B 324 19.79 14.93 -14.88
CA ILE B 324 19.41 13.58 -14.45
C ILE B 324 18.18 13.06 -15.21
N THR B 325 17.51 13.92 -15.98
CA THR B 325 16.36 13.45 -16.76
C THR B 325 16.63 13.53 -18.26
N SER B 326 17.89 13.51 -18.64
CA SER B 326 18.27 13.59 -20.06
C SER B 326 18.11 12.26 -20.78
N LYS B 327 18.14 12.29 -22.10
CA LYS B 327 18.08 11.07 -22.89
C LYS B 327 19.20 10.13 -22.44
N ASP B 328 20.39 10.70 -22.22
CA ASP B 328 21.54 9.95 -21.79
C ASP B 328 21.29 9.23 -20.46
N THR B 329 20.88 9.98 -19.43
CA THR B 329 20.62 9.39 -18.11
C THR B 329 19.50 8.36 -18.13
N LEU B 330 18.34 8.72 -18.67
CA LEU B 330 17.21 7.80 -18.65
C LEU B 330 17.41 6.56 -19.53
N GLN B 331 18.29 6.65 -20.54
CA GLN B 331 18.59 5.47 -21.35
C GLN B 331 19.38 4.51 -20.44
N LYS B 332 20.36 5.00 -19.69
CA LYS B 332 21.09 4.10 -18.79
C LYS B 332 20.11 3.52 -17.79
N TYR B 333 19.14 4.34 -17.37
CA TYR B 333 18.17 3.93 -16.38
C TYR B 333 17.33 2.75 -16.87
N THR B 334 16.71 2.90 -18.04
CA THR B 334 15.88 1.84 -18.56
C THR B 334 16.69 0.54 -18.70
N ASP B 335 17.92 0.66 -19.15
CA ASP B 335 18.78 -0.49 -19.36
C ASP B 335 19.04 -1.23 -18.07
N GLU B 336 19.43 -0.45 -17.07
CA GLU B 336 19.84 -0.98 -15.80
C GLU B 336 18.70 -1.37 -14.85
N MET B 337 17.53 -0.75 -14.99
CA MET B 337 16.36 -1.05 -14.13
C MET B 337 15.24 -1.83 -14.81
N SER B 338 15.18 -1.77 -16.13
CA SER B 338 14.11 -2.43 -16.90
C SER B 338 12.77 -1.80 -16.56
N GLU B 339 12.74 -0.46 -16.56
CA GLU B 339 11.52 0.30 -16.34
C GLU B 339 11.33 1.30 -17.46
N ILE B 340 10.08 1.60 -17.78
CA ILE B 340 9.76 2.61 -18.78
C ILE B 340 10.04 3.99 -18.16
N THR B 341 10.58 4.92 -18.95
CA THR B 341 10.91 6.25 -18.44
C THR B 341 9.99 7.31 -19.03
N GLY B 342 10.19 8.57 -18.65
CA GLY B 342 9.33 9.69 -19.11
C GLY B 342 9.70 10.32 -20.45
N ARG B 343 10.69 9.72 -21.12
CA ARG B 343 11.19 10.18 -22.40
C ARG B 343 10.74 9.26 -23.53
N VAL B 344 10.37 9.83 -24.66
CA VAL B 344 9.95 9.03 -25.79
C VAL B 344 11.14 8.72 -26.70
N ASP B 345 12.28 9.37 -26.43
CA ASP B 345 13.51 9.11 -27.17
C ASP B 345 14.45 8.13 -26.43
N VAL B 346 13.96 7.50 -25.39
CA VAL B 346 14.70 6.46 -24.67
C VAL B 346 14.10 5.13 -25.17
N LYS B 347 14.96 4.21 -25.59
CA LYS B 347 14.49 2.95 -26.14
C LYS B 347 15.07 1.75 -25.40
N SER B 348 14.20 0.88 -24.90
CA SER B 348 14.67 -0.33 -24.25
C SER B 348 15.10 -1.33 -25.31
N SER B 349 16.11 -2.15 -24.98
N SER B 349 16.09 -2.14 -24.98
CA SER B 349 16.57 -3.18 -25.91
CA SER B 349 16.57 -3.19 -25.87
C SER B 349 15.59 -4.38 -25.88
C SER B 349 15.59 -4.37 -25.88
N ASN B 350 14.77 -4.45 -24.84
CA ASN B 350 13.82 -5.52 -24.67
C ASN B 350 12.51 -5.26 -25.45
N PRO B 351 12.20 -6.11 -26.43
CA PRO B 351 11.00 -5.92 -27.25
C PRO B 351 9.68 -5.94 -26.51
N ASN B 352 9.62 -6.58 -25.34
CA ASN B 352 8.39 -6.63 -24.58
C ASN B 352 8.16 -5.29 -23.90
N LEU B 353 9.22 -4.66 -23.40
CA LEU B 353 9.12 -3.31 -22.80
C LEU B 353 8.88 -2.23 -23.86
N LYS B 354 9.27 -2.51 -25.09
CA LYS B 354 9.04 -1.58 -26.18
C LYS B 354 7.52 -1.36 -26.33
N VAL B 355 6.75 -2.39 -26.03
CA VAL B 355 5.30 -2.28 -26.11
C VAL B 355 4.82 -1.34 -25.02
N PHE B 356 5.34 -1.51 -23.81
CA PHE B 356 4.99 -0.60 -22.73
C PHE B 356 5.43 0.84 -23.02
N GLU B 357 6.51 1.02 -23.76
CA GLU B 357 6.96 2.36 -24.13
C GLU B 357 5.91 3.00 -25.02
N LYS B 358 5.36 2.20 -25.91
CA LYS B 358 4.35 2.69 -26.81
C LYS B 358 3.07 2.99 -26.05
N GLN B 359 2.71 2.11 -25.12
CA GLN B 359 1.47 2.28 -24.37
C GLN B 359 1.46 3.57 -23.54
N ALA B 360 2.61 3.95 -23.02
CA ALA B 360 2.72 5.17 -22.22
C ALA B 360 2.41 6.41 -23.04
N ARG B 361 2.68 6.34 -24.34
CA ARG B 361 2.35 7.44 -25.27
C ARG B 361 0.85 7.45 -25.63
N HIS B 362 0.10 6.51 -25.09
CA HIS B 362 -1.33 6.49 -25.31
C HIS B 362 -2.00 6.05 -24.03
N ALA B 363 -1.91 6.89 -23.02
CA ALA B 363 -2.44 6.59 -21.72
C ALA B 363 -2.91 7.88 -21.05
N GLU B 364 -3.91 7.74 -20.18
CA GLU B 364 -4.55 8.86 -19.48
C GLU B 364 -4.01 8.99 -18.05
N PRO B 365 -3.33 10.09 -17.76
CA PRO B 365 -2.79 10.25 -16.40
C PRO B 365 -3.87 10.14 -15.32
N MET B 366 -3.55 9.44 -14.24
CA MET B 366 -4.43 9.37 -13.12
C MET B 366 -4.53 10.81 -12.60
N PRO B 367 -5.74 11.35 -12.46
CA PRO B 367 -5.82 12.77 -12.06
C PRO B 367 -4.89 13.11 -10.89
N ASN B 368 -4.13 14.19 -11.03
CA ASN B 368 -3.11 14.57 -10.03
C ASN B 368 -3.60 15.53 -8.98
N ILE B 369 -4.88 15.45 -8.66
CA ILE B 369 -5.49 16.37 -7.70
C ILE B 369 -5.87 15.64 -6.40
N PRO B 370 -5.80 16.34 -5.27
CA PRO B 370 -6.15 15.68 -4.02
C PRO B 370 -7.51 14.95 -4.01
N GLU B 371 -8.52 15.51 -4.64
CA GLU B 371 -9.84 14.91 -4.64
C GLU B 371 -9.86 13.52 -5.30
N MET B 372 -8.87 13.23 -6.14
CA MET B 372 -8.85 11.92 -6.79
C MET B 372 -8.73 10.80 -5.78
N ARG B 373 -8.24 11.07 -4.57
CA ARG B 373 -8.11 10.05 -3.53
C ARG B 373 -9.44 9.50 -3.09
N GLN B 374 -10.47 10.35 -3.20
CA GLN B 374 -11.82 9.97 -2.81
C GLN B 374 -12.57 9.15 -3.85
N VAL B 375 -12.00 9.00 -5.04
CA VAL B 375 -12.64 8.26 -6.14
C VAL B 375 -12.34 6.77 -6.14
N TRP B 376 -11.18 6.39 -5.63
CA TRP B 376 -10.78 4.99 -5.73
C TRP B 376 -11.66 3.99 -5.04
N GLU B 377 -11.82 4.18 -3.74
CA GLU B 377 -12.54 3.21 -2.95
C GLU B 377 -13.96 3.05 -3.38
N PRO B 378 -14.68 4.16 -3.62
CA PRO B 378 -16.04 3.97 -4.09
C PRO B 378 -16.13 3.33 -5.49
N MET B 379 -15.21 3.65 -6.41
CA MET B 379 -15.29 2.99 -7.74
C MET B 379 -14.96 1.51 -7.59
N GLY B 380 -14.03 1.21 -6.70
CA GLY B 380 -13.64 -0.16 -6.42
C GLY B 380 -14.85 -0.90 -5.90
N ASN B 381 -15.58 -0.27 -4.98
CA ASN B 381 -16.80 -0.87 -4.45
C ASN B 381 -17.82 -1.11 -5.56
N ALA B 382 -17.95 -0.16 -6.48
CA ALA B 382 -18.91 -0.29 -7.57
C ALA B 382 -18.54 -1.47 -8.42
N SER B 383 -17.25 -1.64 -8.63
CA SER B 383 -16.77 -2.72 -9.48
C SER B 383 -17.10 -4.06 -8.84
N ILE B 384 -16.84 -4.16 -7.54
CA ILE B 384 -17.14 -5.37 -6.81
C ILE B 384 -18.62 -5.70 -6.95
N PHE B 385 -19.48 -4.70 -6.74
CA PHE B 385 -20.93 -4.90 -6.83
C PHE B 385 -21.39 -5.33 -8.22
N ILE B 386 -20.68 -4.85 -9.24
CA ILE B 386 -20.99 -5.20 -10.62
C ILE B 386 -20.63 -6.66 -10.86
N SER B 387 -19.48 -7.08 -10.32
CA SER B 387 -19.07 -8.46 -10.44
C SER B 387 -20.05 -9.37 -9.73
N ASN B 388 -20.69 -8.84 -8.69
CA ASN B 388 -21.67 -9.61 -7.93
C ASN B 388 -23.10 -9.54 -8.53
N GLY B 389 -23.26 -8.88 -9.66
CA GLY B 389 -24.56 -8.80 -10.29
C GLY B 389 -25.41 -7.56 -10.00
N LYS B 390 -24.86 -6.53 -9.37
CA LYS B 390 -25.68 -5.35 -9.10
C LYS B 390 -25.93 -4.61 -10.41
N ASN B 391 -27.09 -4.00 -10.55
CA ASN B 391 -27.36 -3.18 -11.70
C ASN B 391 -26.25 -2.15 -11.81
N PRO B 392 -25.54 -2.12 -12.94
CA PRO B 392 -24.41 -1.19 -13.09
C PRO B 392 -24.79 0.28 -12.96
N LYS B 393 -25.91 0.70 -13.51
CA LYS B 393 -26.34 2.10 -13.41
C LYS B 393 -26.43 2.52 -11.94
N GLN B 394 -27.13 1.72 -11.12
CA GLN B 394 -27.24 2.00 -9.68
C GLN B 394 -25.86 1.99 -9.05
N ALA B 395 -25.04 1.00 -9.43
CA ALA B 395 -23.71 0.90 -8.85
C ALA B 395 -22.92 2.17 -9.08
N LEU B 396 -22.99 2.68 -10.31
CA LEU B 396 -22.25 3.88 -10.67
C LEU B 396 -22.90 5.15 -10.12
N ASP B 397 -24.23 5.14 -10.01
CA ASP B 397 -24.93 6.28 -9.41
C ASP B 397 -24.59 6.44 -7.93
N GLU B 398 -24.48 5.32 -7.21
CA GLU B 398 -24.13 5.35 -5.78
C GLU B 398 -22.71 5.79 -5.61
N ALA B 399 -21.83 5.23 -6.43
CA ALA B 399 -20.43 5.57 -6.35
C ALA B 399 -20.26 7.07 -6.54
N THR B 400 -20.96 7.63 -7.51
CA THR B 400 -20.87 9.05 -7.80
C THR B 400 -21.35 9.90 -6.64
N ASN B 401 -22.50 9.55 -6.08
N ASN B 401 -22.50 9.55 -6.06
CA ASN B 401 -23.05 10.27 -4.95
CA ASN B 401 -23.03 10.30 -4.94
C ASN B 401 -22.08 10.23 -3.77
C ASN B 401 -22.09 10.23 -3.74
N ASP B 402 -21.53 9.05 -3.50
CA ASP B 402 -20.62 8.87 -2.37
C ASP B 402 -19.35 9.71 -2.54
N ILE B 403 -18.77 9.67 -3.74
CA ILE B 403 -17.60 10.45 -4.06
C ILE B 403 -17.90 11.93 -3.85
N THR B 404 -19.06 12.37 -4.34
CA THR B 404 -19.49 13.78 -4.21
C THR B 404 -19.56 14.17 -2.73
N GLN B 405 -20.19 13.31 -1.97
CA GLN B 405 -20.39 13.49 -0.54
C GLN B 405 -19.06 13.44 0.24
N ASN B 406 -18.19 12.51 -0.11
CA ASN B 406 -16.91 12.42 0.58
C ASN B 406 -15.95 13.56 0.25
N ILE B 407 -16.12 14.14 -0.93
CA ILE B 407 -15.31 15.29 -1.32
C ILE B 407 -15.80 16.52 -0.57
N LYS B 408 -17.11 16.64 -0.34
CA LYS B 408 -17.65 17.80 0.44
C LYS B 408 -17.16 17.77 1.88
N ILE B 409 -16.93 16.59 2.41
CA ILE B 409 -16.46 16.43 3.77
C ILE B 409 -14.96 16.72 3.88
N LEU B 410 -14.14 15.99 3.12
CA LEU B 410 -12.68 16.13 3.25
C LEU B 410 -12.06 17.33 2.54
N HIS B 411 -12.79 17.93 1.60
CA HIS B 411 -12.31 19.12 0.88
C HIS B 411 -13.37 20.24 0.87
N PRO B 412 -13.59 20.89 2.03
CA PRO B 412 -14.58 21.98 2.11
C PRO B 412 -13.99 23.36 1.79
#